data_7BZO
#
_entry.id   7BZO
#
_cell.length_a   1.00
_cell.length_b   1.00
_cell.length_c   1.00
_cell.angle_alpha   90.00
_cell.angle_beta   90.00
_cell.angle_gamma   90.00
#
_symmetry.space_group_name_H-M   'P 1'
#
loop_
_entity.id
_entity.type
_entity.pdbx_description
1 polymer 'Capsid protein VP1'
2 polymer 'Capsid protein VP2'
3 polymer 'Capsid protein VP3'
4 polymer 'Capsid protein VP4'
5 non-polymer SPHINGOSINE
#
loop_
_entity_poly.entity_id
_entity_poly.type
_entity_poly.pdbx_seq_one_letter_code
_entity_poly.pdbx_strand_id
1 'polypeptide(L)'
;GDPVEDIIHDALGSTARRAISSVTNAESAANTTPSSHRLETGRVPALQAAETGATSNATDENMIETRCVVNRNGVLETTI
NHFFSRSGLVGVVNLTDGGTDTTGYATWDIDIMGFVQLRRKCEMFTYMRFNAEFTFVTTTKNGEARPYMLQYMYVPPGAP
KPTGRDAFQWQTATNPSVFVKLTDPPAQVSVPFMSPASAYQWFYDGYPTFGQHPETSNTTYGLCPNNMMGTFAVRVVSRE
ASQLKLQTRVYMKLKHVRAWVPRPIRSQPYLLKNFPNYDSSKITNSARDRSSIKQANM
;
A
2 'polypeptide(L)'
;SPSVEACGYSDRVAQLTVGNSSITTQEAANIVLAYGEWPEYCPDTDATAVDKPTRPDVSVNRFYTLDSKMWQENSTGWYW
KFPDVLNKTGVFGQNAQFHYLYRSGFCLHVQCNASKFHQGALLVAVIPEFVIAGRGSNTKPNEAPHPGFTTTFPGTTGAT
FHDPYVLDSGVPLSQALIYPHQWINLRTNNCATVIVPYINAVPFDSAINHSNFGLIVIPVSPLKYSSGATTAIPITITIA
PLNSEFGGLRQAVSQ
;
B
3 'polypeptide(L)'
;GIPAELRPGTNQFLTTDDDTAAPILPGFTPTPTIHIPGEVHSLLELCRVETILEVNNTTEATGLTRLLIPVSSQNKADEL
CAAFMVDPGRIGPWQSTLVGQICRYYTQWSGSLKVTFMFTGSFMATGKMLVAYSPPGSAQPANRETAMLGTHVIWDFGLQ
SSVSLVIPWISNTHFRTAKTGGNYDYYTAGVVTLWYQTNYVVPPETPGEAYIIAMGAAQDNFTLKICKDTDEVTQQAVLQ
;
C
4 'polypeptide(L)' MGAQVSTQKSGSHETGNVATGGSTINFTNINYYKDSYAASATRQDFTQDPKKFTQPVLDSIRELSAPLN D
#
# COMPACT_ATOMS: atom_id res chain seq x y z
N SER A 22 0.04 -17.53 13.23
CA SER A 22 0.42 -17.33 14.63
C SER A 22 1.38 -16.15 14.78
N VAL A 23 1.52 -15.65 16.00
CA VAL A 23 2.38 -14.51 16.30
C VAL A 23 3.72 -15.05 16.80
N THR A 24 4.80 -14.67 16.14
CA THR A 24 6.15 -15.09 16.50
C THR A 24 7.01 -13.88 16.81
N ASN A 25 7.84 -14.01 17.85
CA ASN A 25 8.80 -12.98 18.19
C ASN A 25 10.10 -13.18 17.43
N ALA A 26 10.94 -12.15 17.43
CA ALA A 26 12.20 -12.21 16.71
C ALA A 26 13.19 -11.23 17.33
N GLU A 27 14.37 -11.74 17.69
CA GLU A 27 15.51 -10.91 18.18
C GLU A 27 16.48 -10.63 17.01
N SER A 28 16.45 -11.45 15.96
CA SER A 28 17.31 -11.28 14.79
C SER A 28 16.58 -11.88 13.60
N ALA A 29 17.29 -12.02 12.48
CA ALA A 29 16.70 -12.63 11.30
C ALA A 29 16.67 -14.15 11.45
N ALA A 30 16.10 -14.83 10.46
CA ALA A 30 15.94 -16.27 10.53
C ALA A 30 17.24 -16.99 10.20
N ASN A 31 17.38 -18.19 10.76
CA ASN A 31 18.55 -19.02 10.54
C ASN A 31 18.29 -20.02 9.40
N THR A 32 19.36 -20.68 8.98
CA THR A 32 19.29 -21.71 7.95
C THR A 32 19.81 -23.04 8.51
N THR A 33 19.17 -24.14 8.08
CA THR A 33 19.55 -25.49 8.48
C THR A 33 20.16 -26.24 7.30
N PRO A 34 21.02 -27.22 7.56
CA PRO A 34 21.64 -27.96 6.44
C PRO A 34 20.61 -28.76 5.67
N SER A 35 20.86 -28.89 4.36
CA SER A 35 19.97 -29.60 3.46
C SER A 35 20.78 -30.52 2.57
N SER A 36 20.14 -31.59 2.11
CA SER A 36 20.74 -32.56 1.21
C SER A 36 19.96 -32.62 -0.09
N HIS A 37 20.35 -33.54 -0.95
CA HIS A 37 19.69 -33.72 -2.24
C HIS A 37 18.43 -34.55 -2.07
N ARG A 38 17.37 -34.13 -2.75
CA ARG A 38 16.11 -34.89 -2.79
C ARG A 38 16.03 -35.69 -4.08
N LEU A 39 15.66 -36.97 -3.94
CA LEU A 39 15.39 -37.83 -5.10
C LEU A 39 14.15 -38.66 -4.76
N GLU A 40 12.98 -38.11 -5.10
CA GLU A 40 11.71 -38.76 -4.83
C GLU A 40 10.61 -38.01 -5.57
N THR A 41 9.49 -38.69 -5.77
CA THR A 41 8.34 -38.10 -6.45
C THR A 41 7.25 -37.73 -5.44
N GLY A 42 6.40 -36.79 -5.85
CA GLY A 42 5.30 -36.35 -5.04
C GLY A 42 5.58 -35.16 -4.15
N ARG A 43 6.85 -34.90 -3.84
CA ARG A 43 7.24 -33.81 -2.96
C ARG A 43 7.79 -32.69 -3.83
N VAL A 44 6.97 -31.69 -4.11
CA VAL A 44 7.35 -30.59 -4.98
C VAL A 44 7.20 -29.25 -4.26
N PRO A 45 8.25 -28.75 -3.63
CA PRO A 45 8.19 -27.43 -2.98
C PRO A 45 8.37 -26.26 -3.93
N ALA A 46 8.53 -26.51 -5.23
CA ALA A 46 8.78 -25.45 -6.21
C ALA A 46 7.52 -24.98 -6.92
N LEU A 47 6.58 -25.87 -7.18
CA LEU A 47 5.34 -25.49 -7.87
C LEU A 47 4.38 -24.84 -6.87
N GLN A 48 4.05 -23.58 -7.12
CA GLN A 48 3.13 -22.82 -6.28
C GLN A 48 1.84 -22.58 -7.04
N ALA A 49 1.00 -21.70 -6.48
CA ALA A 49 -0.23 -21.26 -7.15
C ALA A 49 -0.43 -19.79 -6.80
N ALA A 50 -0.03 -18.90 -7.71
CA ALA A 50 -0.21 -17.47 -7.51
C ALA A 50 -1.63 -17.01 -7.75
N GLU A 51 -2.48 -17.85 -8.35
CA GLU A 51 -3.87 -17.48 -8.55
C GLU A 51 -4.65 -17.48 -7.23
N THR A 52 -4.15 -18.18 -6.22
CA THR A 52 -4.83 -18.27 -4.93
C THR A 52 -4.64 -17.05 -4.06
N GLY A 53 -3.95 -16.01 -4.56
CA GLY A 53 -3.76 -14.81 -3.78
C GLY A 53 -2.87 -14.95 -2.58
N ALA A 54 -1.94 -15.90 -2.61
CA ALA A 54 -1.04 -16.15 -1.48
C ALA A 54 0.40 -16.13 -1.95
N THR A 55 1.27 -15.55 -1.13
CA THR A 55 2.69 -15.48 -1.46
C THR A 55 3.33 -16.86 -1.44
N SER A 56 4.29 -17.06 -2.33
CA SER A 56 5.03 -18.31 -2.35
C SER A 56 5.79 -18.50 -1.05
N ASN A 57 5.94 -19.76 -0.64
CA ASN A 57 6.59 -20.10 0.62
C ASN A 57 7.81 -21.00 0.43
N ALA A 58 8.33 -21.10 -0.79
CA ALA A 58 9.51 -21.93 -1.04
C ALA A 58 10.73 -21.32 -0.35
N THR A 59 11.28 -22.05 0.61
CA THR A 59 12.44 -21.60 1.36
C THR A 59 13.72 -22.14 0.72
N ASP A 60 14.87 -21.77 1.31
CA ASP A 60 16.15 -22.18 0.75
C ASP A 60 16.42 -23.67 0.98
N GLU A 61 15.96 -24.20 2.11
CA GLU A 61 16.25 -25.60 2.45
C GLU A 61 15.58 -26.61 1.52
N ASN A 62 14.59 -26.18 0.72
CA ASN A 62 13.94 -27.06 -0.22
C ASN A 62 14.27 -26.75 -1.68
N MET A 63 15.07 -25.73 -1.94
CA MET A 63 15.41 -25.33 -3.30
C MET A 63 16.81 -25.77 -3.71
N ILE A 64 17.82 -25.40 -2.93
CA ILE A 64 19.23 -25.72 -3.24
C ILE A 64 19.87 -26.26 -1.95
N GLU A 65 20.89 -27.09 -2.13
CA GLU A 65 21.66 -27.59 -1.00
C GLU A 65 22.36 -26.43 -0.30
N THR A 66 22.05 -26.24 0.99
CA THR A 66 22.55 -25.10 1.75
C THR A 66 23.24 -25.58 3.01
N ARG A 67 23.98 -24.66 3.63
CA ARG A 67 24.69 -24.93 4.87
C ARG A 67 23.91 -24.32 6.05
N CYS A 68 24.47 -24.48 7.25
CA CYS A 68 23.86 -23.96 8.47
C CYS A 68 24.58 -22.69 8.89
N VAL A 69 23.81 -21.61 9.06
CA VAL A 69 24.34 -20.36 9.58
C VAL A 69 23.44 -19.88 10.70
N VAL A 70 24.04 -19.26 11.70
CA VAL A 70 23.32 -18.67 12.83
C VAL A 70 23.30 -17.18 12.59
N ASN A 71 22.23 -16.70 11.95
CA ASN A 71 22.16 -15.31 11.51
C ASN A 71 21.79 -14.42 12.70
N ARG A 72 22.73 -13.58 13.12
CA ARG A 72 22.54 -12.67 14.24
C ARG A 72 22.45 -11.21 13.80
N ASN A 73 21.90 -10.97 12.62
CA ASN A 73 21.70 -9.62 12.13
C ASN A 73 20.47 -9.00 12.79
N GLY A 74 20.60 -7.76 13.25
CA GLY A 74 19.53 -7.12 13.98
C GLY A 74 18.45 -6.58 13.05
N VAL A 75 17.20 -6.96 13.33
CA VAL A 75 16.06 -6.47 12.58
C VAL A 75 15.25 -5.44 13.40
N LEU A 76 15.87 -4.83 14.40
CA LEU A 76 15.15 -3.99 15.35
C LEU A 76 14.81 -2.62 14.80
N GLU A 77 15.59 -2.10 13.86
CA GLU A 77 15.41 -0.72 13.41
C GLU A 77 14.58 -0.62 12.12
N THR A 78 13.69 -1.59 11.91
CA THR A 78 12.79 -1.56 10.77
C THR A 78 11.33 -1.54 11.20
N THR A 79 11.06 -1.36 12.49
CA THR A 79 9.70 -1.30 12.99
C THR A 79 9.07 0.04 12.66
N ILE A 80 7.78 0.17 12.99
CA ILE A 80 7.05 1.39 12.69
C ILE A 80 7.56 2.55 13.55
N ASN A 81 7.86 2.28 14.82
CA ASN A 81 8.31 3.33 15.72
C ASN A 81 9.66 3.89 15.29
N HIS A 82 10.60 3.01 14.91
CA HIS A 82 11.90 3.47 14.46
C HIS A 82 11.86 4.07 13.06
N PHE A 83 10.83 3.73 12.27
CA PHE A 83 10.72 4.29 10.92
C PHE A 83 10.08 5.66 10.91
N PHE A 84 9.19 5.94 11.87
CA PHE A 84 8.46 7.21 11.87
C PHE A 84 8.98 8.22 12.88
N SER A 85 9.82 7.82 13.83
CA SER A 85 10.28 8.72 14.88
C SER A 85 11.54 9.46 14.42
N ARG A 86 11.36 10.29 13.39
CA ARG A 86 12.38 11.21 12.92
C ARG A 86 11.71 12.52 12.54
N SER A 87 12.30 13.63 12.98
CA SER A 87 11.70 14.93 12.75
C SER A 87 11.88 15.33 11.29
N GLY A 88 10.77 15.39 10.56
CA GLY A 88 10.80 15.85 9.18
C GLY A 88 10.50 17.32 9.09
N LEU A 89 9.77 17.73 8.05
CA LEU A 89 9.30 19.10 7.91
C LEU A 89 7.83 19.06 7.57
N VAL A 90 7.02 19.77 8.37
CA VAL A 90 5.58 19.77 8.22
C VAL A 90 5.08 21.11 7.71
N GLY A 91 5.66 22.23 8.14
CA GLY A 91 5.16 23.47 7.60
C GLY A 91 5.98 24.73 7.81
N VAL A 92 6.18 25.49 6.75
CA VAL A 92 6.84 26.79 6.83
C VAL A 92 5.77 27.87 6.88
N VAL A 93 5.89 28.78 7.83
CA VAL A 93 4.94 29.87 8.03
C VAL A 93 5.69 31.18 7.82
N ASN A 94 5.19 31.99 6.90
CA ASN A 94 5.82 33.25 6.53
C ASN A 94 5.23 34.39 7.37
N LEU A 95 6.10 35.25 7.88
CA LEU A 95 5.74 36.38 8.73
C LEU A 95 6.50 37.60 8.23
N THR A 96 6.34 37.87 6.93
CA THR A 96 6.97 39.02 6.27
C THR A 96 6.25 40.30 6.71
N ASP A 97 6.44 40.63 7.98
CA ASP A 97 5.86 41.84 8.57
C ASP A 97 6.58 43.08 8.05
N THR A 103 0.00 43.16 8.51
CA THR A 103 -1.01 42.40 9.23
C THR A 103 -0.60 42.19 10.69
N GLY A 104 0.68 41.88 10.90
CA GLY A 104 1.24 41.73 12.22
C GLY A 104 1.26 40.33 12.77
N TYR A 105 0.51 39.41 12.17
CA TYR A 105 0.45 38.02 12.64
C TYR A 105 0.38 37.10 11.44
N ALA A 106 0.56 35.80 11.69
CA ALA A 106 0.54 34.82 10.62
C ALA A 106 -0.15 33.56 11.10
N THR A 107 -1.15 33.11 10.35
CA THR A 107 -1.86 31.87 10.64
C THR A 107 -1.42 30.76 9.69
N TRP A 108 -1.69 29.53 10.11
CA TRP A 108 -1.29 28.36 9.33
C TRP A 108 -2.24 27.21 9.69
N ASP A 109 -3.09 26.82 8.73
CA ASP A 109 -3.91 25.63 8.89
C ASP A 109 -3.02 24.40 9.06
N ILE A 110 -3.33 23.59 10.07
CA ILE A 110 -2.49 22.46 10.41
C ILE A 110 -2.83 21.28 9.50
N ASP A 111 -1.97 21.03 8.51
CA ASP A 111 -2.07 19.85 7.67
C ASP A 111 -0.65 19.43 7.29
N ILE A 112 -0.36 18.14 7.41
CA ILE A 112 1.01 17.65 7.27
C ILE A 112 1.27 17.19 5.84
N MET A 113 0.36 17.53 4.92
CA MET A 113 0.49 17.14 3.53
C MET A 113 1.10 18.23 2.65
N GLY A 114 1.72 19.24 3.26
CA GLY A 114 2.27 20.33 2.47
C GLY A 114 3.54 19.94 1.74
N PHE A 115 4.39 19.15 2.37
CA PHE A 115 5.66 18.74 1.79
C PHE A 115 5.64 17.25 1.47
N VAL A 116 6.34 16.88 0.40
CA VAL A 116 6.20 15.57 -0.22
C VAL A 116 7.21 14.58 0.32
N GLN A 117 7.90 14.93 1.41
CA GLN A 117 8.87 14.03 2.01
C GLN A 117 8.26 13.18 3.12
N LEU A 118 7.53 13.79 4.04
CA LEU A 118 6.83 13.05 5.08
C LEU A 118 5.46 12.57 4.63
N ARG A 119 4.84 13.28 3.68
CA ARG A 119 3.53 12.90 3.19
C ARG A 119 3.56 11.51 2.56
N ARG A 120 4.64 11.18 1.86
CA ARG A 120 4.75 9.86 1.23
C ARG A 120 4.80 8.75 2.28
N LYS A 121 5.66 8.90 3.28
CA LYS A 121 5.76 7.92 4.34
C LYS A 121 4.44 7.77 5.09
N CYS A 122 3.74 8.89 5.33
CA CYS A 122 2.45 8.80 6.00
C CYS A 122 1.40 8.14 5.11
N GLU A 123 1.45 8.37 3.81
CA GLU A 123 0.50 7.79 2.87
C GLU A 123 0.87 6.37 2.46
N MET A 124 1.95 5.82 3.01
CA MET A 124 2.20 4.39 2.87
C MET A 124 1.15 3.55 3.58
N PHE A 125 0.42 4.13 4.52
CA PHE A 125 -0.57 3.43 5.32
C PHE A 125 -1.93 4.09 5.17
N THR A 126 -2.98 3.35 5.55
CA THR A 126 -4.34 3.90 5.48
C THR A 126 -4.74 4.56 6.79
N TYR A 127 -4.51 3.89 7.92
CA TYR A 127 -4.84 4.44 9.23
C TYR A 127 -3.59 4.57 10.08
N MET A 128 -3.48 5.68 10.80
CA MET A 128 -2.37 5.87 11.74
C MET A 128 -2.86 6.58 12.99
N ARG A 129 -2.39 6.09 14.14
CA ARG A 129 -2.71 6.67 15.45
C ARG A 129 -1.40 6.93 16.18
N PHE A 130 -1.11 8.20 16.47
CA PHE A 130 0.20 8.56 16.98
C PHE A 130 0.10 9.84 17.79
N ASN A 131 1.20 10.16 18.46
CA ASN A 131 1.41 11.47 19.09
C ASN A 131 2.34 12.30 18.23
N ALA A 132 2.48 13.58 18.59
CA ALA A 132 3.31 14.50 17.83
C ALA A 132 4.26 15.23 18.77
N GLU A 133 5.37 15.70 18.20
CA GLU A 133 6.37 16.48 18.92
C GLU A 133 6.83 17.62 18.02
N PHE A 134 6.16 18.76 18.13
CA PHE A 134 6.47 19.88 17.26
C PHE A 134 7.72 20.62 17.70
N THR A 135 8.46 21.13 16.72
CA THR A 135 9.62 21.98 16.94
C THR A 135 9.53 23.19 16.02
N PHE A 136 9.86 24.35 16.56
CA PHE A 136 9.68 25.64 15.89
C PHE A 136 11.05 26.29 15.73
N VAL A 137 11.54 26.36 14.49
CA VAL A 137 12.83 26.96 14.18
C VAL A 137 12.56 28.22 13.36
N THR A 138 12.84 29.38 13.94
CA THR A 138 12.48 30.65 13.34
C THR A 138 13.73 31.41 12.92
N THR A 139 13.77 31.84 11.66
CA THR A 139 14.88 32.59 11.10
C THR A 139 14.37 33.88 10.47
N THR A 140 15.32 34.77 10.17
CA THR A 140 15.05 36.12 9.68
C THR A 140 15.22 36.14 8.16
N LYS A 141 15.21 37.34 7.57
CA LYS A 141 15.22 37.54 6.12
C LYS A 141 16.37 36.83 5.43
N ASN A 142 17.61 37.27 5.70
CA ASN A 142 18.77 36.52 5.24
C ASN A 142 19.01 35.31 6.13
N GLY A 143 19.03 35.54 7.44
CA GLY A 143 19.18 34.53 8.45
C GLY A 143 19.89 35.18 9.63
N GLU A 144 19.34 35.01 10.82
CA GLU A 144 19.77 35.80 11.97
C GLU A 144 18.94 35.36 13.17
N ALA A 145 19.30 35.89 14.34
CA ALA A 145 18.50 35.73 15.55
C ALA A 145 18.55 37.06 16.30
N ARG A 146 17.57 37.94 16.00
CA ARG A 146 17.49 39.19 16.74
C ARG A 146 16.71 38.97 18.05
N PRO A 147 17.17 39.55 19.15
CA PRO A 147 16.57 39.25 20.46
C PRO A 147 15.19 39.87 20.64
N TYR A 148 14.22 39.35 19.89
CA TYR A 148 12.83 39.75 20.03
C TYR A 148 12.03 38.63 20.70
N MET A 149 10.73 38.83 20.82
CA MET A 149 9.83 37.88 21.46
C MET A 149 8.78 37.42 20.46
N LEU A 150 8.45 36.13 20.51
CA LEU A 150 7.48 35.52 19.63
C LEU A 150 6.48 34.72 20.44
N GLN A 151 5.20 34.83 20.08
CA GLN A 151 4.12 34.07 20.68
C GLN A 151 3.53 33.15 19.62
N TYR A 152 3.57 31.85 19.91
CA TYR A 152 2.87 30.84 19.12
C TYR A 152 1.63 30.40 19.87
N MET A 153 0.48 30.44 19.21
CA MET A 153 -0.78 30.07 19.84
C MET A 153 -1.51 29.04 18.99
N TYR A 154 -2.06 28.04 19.66
CA TYR A 154 -2.87 27.02 18.99
C TYR A 154 -4.34 27.39 19.14
N VAL A 155 -5.07 27.39 18.01
CA VAL A 155 -6.48 27.75 17.97
C VAL A 155 -7.28 26.51 17.59
N PRO A 156 -7.98 25.87 18.52
CA PRO A 156 -8.74 24.67 18.19
C PRO A 156 -9.91 25.00 17.28
N PRO A 157 -10.50 24.01 16.63
CA PRO A 157 -11.67 24.26 15.76
C PRO A 157 -12.83 24.80 16.57
N GLY A 158 -13.23 26.04 16.27
CA GLY A 158 -14.28 26.74 16.98
C GLY A 158 -13.78 27.94 17.78
N ALA A 159 -12.53 27.91 18.21
CA ALA A 159 -11.97 29.03 18.96
C ALA A 159 -11.82 30.24 18.05
N PRO A 160 -11.89 31.46 18.60
CA PRO A 160 -11.80 32.66 17.76
C PRO A 160 -10.38 32.90 17.29
N LYS A 161 -10.23 33.09 15.98
CA LYS A 161 -8.91 33.37 15.42
C LYS A 161 -8.58 34.85 15.62
N PRO A 162 -7.35 35.17 16.02
CA PRO A 162 -6.99 36.59 16.21
C PRO A 162 -7.17 37.39 14.93
N THR A 163 -7.67 38.63 15.09
CA THR A 163 -7.95 39.52 13.99
C THR A 163 -6.96 40.68 13.89
N GLY A 164 -6.01 40.77 14.83
CA GLY A 164 -5.02 41.82 14.81
C GLY A 164 -3.82 41.42 15.65
N ARG A 165 -2.82 42.29 15.66
CA ARG A 165 -1.60 42.03 16.41
C ARG A 165 -1.73 42.37 17.89
N ASP A 166 -2.78 43.09 18.29
CA ASP A 166 -3.00 43.43 19.70
C ASP A 166 -4.43 43.14 20.14
N ALA A 167 -5.12 42.22 19.47
CA ALA A 167 -6.49 41.89 19.80
C ALA A 167 -6.55 41.08 21.10
N PHE A 168 -7.77 40.81 21.56
CA PHE A 168 -7.96 40.08 22.82
C PHE A 168 -7.79 38.58 22.67
N GLN A 169 -7.86 38.05 21.45
CA GLN A 169 -7.65 36.61 21.26
C GLN A 169 -6.26 36.17 21.70
N TRP A 170 -5.33 37.10 21.84
CA TRP A 170 -3.99 36.78 22.30
C TRP A 170 -3.87 36.76 23.82
N GLN A 171 -4.98 36.88 24.55
CA GLN A 171 -4.92 36.76 25.99
C GLN A 171 -4.82 35.31 26.46
N THR A 172 -5.12 34.36 25.57
CA THR A 172 -4.90 32.92 25.76
C THR A 172 -5.20 32.46 27.19
N ALA A 173 -6.40 32.80 27.65
CA ALA A 173 -6.83 32.34 28.97
C ALA A 173 -7.06 30.84 29.01
N THR A 174 -7.30 30.21 27.87
CA THR A 174 -7.49 28.76 27.80
C THR A 174 -6.74 28.07 26.67
N ASN A 175 -6.17 28.82 25.72
CA ASN A 175 -5.46 28.16 24.64
C ASN A 175 -3.99 27.98 25.00
N PRO A 176 -3.37 26.88 24.53
CA PRO A 176 -1.94 26.68 24.81
C PRO A 176 -1.09 27.61 23.95
N SER A 177 -0.26 28.41 24.62
CA SER A 177 0.60 29.37 23.95
C SER A 177 2.03 29.21 24.43
N VAL A 178 2.97 29.65 23.60
CA VAL A 178 4.39 29.49 23.83
C VAL A 178 5.08 30.83 23.56
N PHE A 179 5.77 31.36 24.57
CA PHE A 179 6.63 32.53 24.40
C PHE A 179 8.07 32.07 24.22
N VAL A 180 8.73 32.53 23.16
CA VAL A 180 10.13 32.19 22.92
C VAL A 180 10.83 33.36 22.24
N LYS A 181 12.13 33.47 22.48
CA LYS A 181 12.94 34.46 21.80
C LYS A 181 13.62 33.85 20.59
N LEU A 182 14.07 34.72 19.67
CA LEU A 182 14.80 34.25 18.51
C LEU A 182 16.19 33.73 18.89
N THR A 183 16.74 34.23 19.99
CA THR A 183 18.04 33.80 20.47
C THR A 183 17.95 32.62 21.43
N ASP A 184 16.79 32.00 21.53
CA ASP A 184 16.61 30.81 22.36
C ASP A 184 16.78 29.56 21.52
N PRO A 185 16.95 28.40 22.16
CA PRO A 185 16.85 27.15 21.42
C PRO A 185 15.46 26.99 20.83
N PRO A 186 15.32 26.19 19.78
CA PRO A 186 14.00 26.05 19.15
C PRO A 186 13.00 25.43 20.12
N ALA A 187 11.79 25.99 20.11
CA ALA A 187 10.76 25.53 21.03
C ALA A 187 10.32 24.11 20.67
N GLN A 188 9.81 23.40 21.68
CA GLN A 188 9.40 22.01 21.48
C GLN A 188 8.28 21.68 22.44
N VAL A 189 7.22 21.07 21.91
CA VAL A 189 6.07 20.63 22.71
C VAL A 189 5.69 19.24 22.25
N SER A 190 4.85 18.58 23.05
CA SER A 190 4.35 17.24 22.73
C SER A 190 2.84 17.30 22.63
N VAL A 191 2.30 16.72 21.56
CA VAL A 191 0.89 16.84 21.22
C VAL A 191 0.27 15.45 21.30
N PRO A 192 -0.87 15.29 21.98
CA PRO A 192 -1.49 13.96 22.07
C PRO A 192 -2.35 13.63 20.86
N PHE A 193 -3.04 12.50 20.93
CA PHE A 193 -3.98 12.10 19.87
C PHE A 193 -5.26 12.89 20.06
N MET A 194 -5.50 13.87 19.17
CA MET A 194 -6.58 14.82 19.33
C MET A 194 -7.70 14.62 18.30
N SER A 195 -7.86 13.40 17.82
CA SER A 195 -8.91 13.17 16.84
C SER A 195 -10.19 12.68 17.55
N PRO A 196 -11.36 13.00 17.00
CA PRO A 196 -12.60 12.47 17.57
C PRO A 196 -12.83 11.01 17.20
N ALA A 197 -12.26 10.59 16.08
CA ALA A 197 -12.29 9.19 15.67
C ALA A 197 -11.20 8.42 16.42
N SER A 198 -11.08 7.13 16.10
CA SER A 198 -10.10 6.27 16.74
C SER A 198 -8.74 6.28 16.05
N ALA A 199 -8.63 6.90 14.87
CA ALA A 199 -7.38 6.92 14.14
C ALA A 199 -7.45 7.99 13.05
N TYR A 200 -6.28 8.48 12.66
CA TYR A 200 -6.19 9.37 11.51
C TYR A 200 -6.17 8.55 10.23
N GLN A 201 -7.07 8.88 9.31
CA GLN A 201 -7.11 8.22 8.01
C GLN A 201 -6.68 9.21 6.93
N TRP A 202 -5.70 8.80 6.14
CA TRP A 202 -5.16 9.63 5.07
C TRP A 202 -5.95 9.53 3.78
N PHE A 203 -6.87 8.58 3.69
CA PHE A 203 -7.70 8.40 2.51
C PHE A 203 -9.14 8.20 2.98
N TYR A 204 -10.04 9.05 2.50
CA TYR A 204 -11.44 9.03 2.91
C TYR A 204 -12.30 8.97 1.66
N ASP A 205 -12.98 7.85 1.47
CA ASP A 205 -13.84 7.64 0.30
C ASP A 205 -15.26 7.99 0.68
N GLY A 206 -15.57 9.29 0.64
CA GLY A 206 -16.91 9.73 0.93
C GLY A 206 -16.98 11.23 1.04
N TYR A 207 -18.18 11.71 1.40
CA TYR A 207 -18.58 13.09 1.51
C TYR A 207 -18.89 13.46 2.96
N PRO A 208 -18.46 14.63 3.43
CA PRO A 208 -18.78 15.00 4.81
C PRO A 208 -20.23 15.38 5.01
N THR A 209 -20.88 15.95 4.01
CA THR A 209 -22.24 16.46 4.12
C THR A 209 -23.22 15.46 3.47
N PHE A 210 -24.49 15.84 3.40
CA PHE A 210 -25.54 15.07 2.76
C PHE A 210 -26.07 15.84 1.55
N GLY A 211 -27.11 15.29 0.93
CA GLY A 211 -27.81 15.98 -0.14
C GLY A 211 -27.32 15.60 -1.52
N GLN A 212 -27.77 16.40 -2.50
CA GLN A 212 -27.42 16.17 -3.89
C GLN A 212 -26.01 16.65 -4.16
N HIS A 213 -25.19 15.78 -4.76
CA HIS A 213 -23.82 16.11 -5.07
C HIS A 213 -23.65 16.37 -6.57
N PRO A 214 -22.83 17.35 -6.95
CA PRO A 214 -22.76 17.74 -8.36
C PRO A 214 -21.92 16.79 -9.18
N GLU A 215 -22.14 16.85 -10.49
CA GLU A 215 -21.39 16.06 -11.46
C GLU A 215 -20.19 16.81 -12.03
N THR A 216 -20.18 18.14 -11.94
CA THR A 216 -19.12 18.92 -12.56
C THR A 216 -17.86 18.99 -11.68
N SER A 217 -18.00 19.51 -10.45
CA SER A 217 -16.85 19.77 -9.59
C SER A 217 -17.20 19.37 -8.15
N ASN A 218 -16.70 18.22 -7.72
CA ASN A 218 -16.85 17.78 -6.33
C ASN A 218 -15.68 18.33 -5.52
N THR A 219 -15.87 19.52 -4.96
CA THR A 219 -14.83 20.16 -4.16
C THR A 219 -14.73 19.59 -2.75
N THR A 220 -15.64 18.69 -2.37
CA THR A 220 -15.66 18.13 -1.02
C THR A 220 -15.40 16.62 -1.00
N TYR A 221 -15.04 16.03 -2.13
CA TYR A 221 -14.79 14.60 -2.19
C TYR A 221 -13.43 14.28 -1.59
N GLY A 222 -13.41 13.40 -0.58
CA GLY A 222 -12.18 12.98 0.02
C GLY A 222 -11.69 13.87 1.15
N LEU A 223 -12.59 14.59 1.81
CA LEU A 223 -12.23 15.48 2.91
C LEU A 223 -12.77 14.88 4.19
N CYS A 224 -11.87 14.26 4.97
CA CYS A 224 -12.27 13.67 6.24
C CYS A 224 -12.33 14.75 7.31
N PRO A 225 -13.48 15.01 7.92
CA PRO A 225 -13.56 16.05 8.95
C PRO A 225 -12.85 15.68 10.25
N ASN A 226 -12.47 14.41 10.42
CA ASN A 226 -11.78 13.98 11.63
C ASN A 226 -10.28 14.24 11.58
N ASN A 227 -9.79 14.90 10.53
CA ASN A 227 -8.38 15.24 10.42
C ASN A 227 -8.10 16.74 10.51
N MET A 228 -9.13 17.58 10.41
CA MET A 228 -8.95 19.00 10.62
C MET A 228 -8.75 19.28 12.11
N MET A 229 -7.58 19.80 12.48
CA MET A 229 -7.19 19.91 13.87
C MET A 229 -7.13 21.34 14.38
N GLY A 230 -7.22 22.34 13.52
CA GLY A 230 -7.25 23.71 13.99
C GLY A 230 -6.23 24.56 13.27
N THR A 231 -5.93 25.71 13.86
CA THR A 231 -5.07 26.73 13.28
C THR A 231 -3.88 26.97 14.19
N PHE A 232 -2.74 27.35 13.61
CA PHE A 232 -1.55 27.70 14.36
C PHE A 232 -1.20 29.15 14.02
N ALA A 233 -1.31 30.05 15.01
CA ALA A 233 -1.04 31.45 14.81
C ALA A 233 0.27 31.84 15.48
N VAL A 234 0.90 32.89 14.95
CA VAL A 234 2.19 33.35 15.47
C VAL A 234 2.24 34.86 15.32
N ARG A 235 2.78 35.53 16.36
CA ARG A 235 2.96 36.98 16.30
C ARG A 235 4.21 37.37 17.07
N VAL A 236 4.60 38.63 16.91
CA VAL A 236 5.64 39.24 17.71
C VAL A 236 4.98 40.04 18.83
N VAL A 237 5.38 39.76 20.06
CA VAL A 237 4.77 40.42 21.22
C VAL A 237 5.24 41.87 21.26
N SER A 238 4.36 42.79 20.83
CA SER A 238 4.69 44.21 20.82
C SER A 238 3.40 45.02 20.74
N ARG A 239 3.53 46.31 21.01
CA ARG A 239 2.45 47.27 20.80
C ARG A 239 2.69 48.17 19.61
N GLU A 240 3.95 48.42 19.26
CA GLU A 240 4.32 49.05 18.00
C GLU A 240 4.51 47.95 16.95
N ALA A 241 5.09 48.28 15.80
CA ALA A 241 5.23 47.31 14.72
C ALA A 241 6.71 47.12 14.43
N SER A 242 7.25 45.98 14.87
CA SER A 242 8.65 45.65 14.62
C SER A 242 8.87 45.42 13.13
N GLN A 243 9.98 45.95 12.62
CA GLN A 243 10.26 45.95 11.19
C GLN A 243 11.20 44.78 10.82
N LEU A 244 10.63 43.58 10.84
CA LEU A 244 11.37 42.41 10.38
C LEU A 244 10.41 41.39 9.77
N LYS A 245 10.95 40.64 8.81
CA LYS A 245 10.24 39.56 8.15
C LYS A 245 10.91 38.25 8.55
N LEU A 246 10.11 37.23 8.87
CA LEU A 246 10.72 36.02 9.40
C LEU A 246 9.94 34.77 9.02
N GLN A 247 10.67 33.67 8.83
CA GLN A 247 10.07 32.39 8.50
C GLN A 247 10.20 31.45 9.70
N THR A 248 9.09 30.83 10.09
CA THR A 248 9.09 29.86 11.17
C THR A 248 8.77 28.48 10.62
N ARG A 249 9.64 27.51 10.89
CA ARG A 249 9.54 26.16 10.37
C ARG A 249 9.05 25.23 11.47
N VAL A 250 8.08 24.39 11.14
CA VAL A 250 7.41 23.50 12.06
C VAL A 250 7.77 22.09 11.65
N TYR A 251 8.60 21.43 12.46
CA TYR A 251 9.04 20.06 12.27
C TYR A 251 8.25 19.15 13.20
N MET A 252 7.82 17.99 12.70
CA MET A 252 7.08 17.03 13.51
C MET A 252 7.86 15.72 13.60
N LYS A 253 7.93 15.18 14.82
CA LYS A 253 8.45 13.83 15.06
C LYS A 253 7.32 12.98 15.62
N LEU A 254 6.89 11.99 14.85
CA LEU A 254 5.86 11.08 15.32
C LEU A 254 6.42 10.13 16.37
N LYS A 255 5.58 9.79 17.35
CA LYS A 255 5.98 8.85 18.38
C LYS A 255 4.75 8.10 18.87
N HIS A 256 4.99 6.93 19.47
CA HIS A 256 3.92 6.06 19.95
C HIS A 256 2.93 5.75 18.82
N VAL A 257 3.48 5.42 17.65
CA VAL A 257 2.71 5.34 16.42
C VAL A 257 2.23 3.90 16.20
N ARG A 258 1.00 3.79 15.68
CA ARG A 258 0.40 2.53 15.27
C ARG A 258 -0.19 2.70 13.89
N ALA A 259 -0.08 1.67 13.05
CA ALA A 259 -0.47 1.76 11.67
C ALA A 259 -1.42 0.61 11.31
N TRP A 260 -2.27 0.87 10.31
CA TRP A 260 -3.27 -0.10 9.89
C TRP A 260 -3.47 0.00 8.39
N VAL A 261 -3.67 -1.16 7.76
CA VAL A 261 -4.03 -1.30 6.35
C VAL A 261 -2.98 -0.66 5.46
N PRO A 262 -1.80 -1.28 5.32
CA PRO A 262 -0.79 -0.71 4.43
C PRO A 262 -1.25 -0.72 2.98
N ARG A 263 -0.78 0.27 2.25
CA ARG A 263 -1.13 0.44 0.84
C ARG A 263 0.11 0.83 0.05
N PRO A 264 0.07 0.79 -1.28
CA PRO A 264 1.28 1.07 -2.06
C PRO A 264 1.75 2.51 -1.88
N ILE A 265 2.99 2.74 -2.33
CA ILE A 265 3.63 4.04 -2.24
C ILE A 265 3.43 4.76 -3.57
N ARG A 266 3.21 6.08 -3.49
CA ARG A 266 2.89 6.85 -4.68
C ARG A 266 4.10 6.92 -5.61
N SER A 267 3.85 6.73 -6.91
CA SER A 267 4.88 6.82 -7.93
C SER A 267 4.75 8.04 -8.82
N GLN A 268 3.61 8.74 -8.78
CA GLN A 268 3.39 9.93 -9.58
C GLN A 268 3.72 11.18 -8.78
N PRO A 269 4.13 12.26 -9.45
CA PRO A 269 4.41 13.51 -8.72
C PRO A 269 3.15 14.10 -8.12
N TYR A 270 3.33 14.80 -7.00
CA TYR A 270 2.21 15.44 -6.32
C TYR A 270 1.84 16.75 -7.01
N LEU A 271 0.56 17.09 -6.94
CA LEU A 271 0.05 18.32 -7.52
C LEU A 271 -0.70 19.19 -6.51
N LEU A 272 -1.49 18.58 -5.63
CA LEU A 272 -2.27 19.32 -4.66
C LEU A 272 -2.02 18.76 -3.26
N LYS A 273 -2.51 19.49 -2.26
CA LYS A 273 -2.28 19.13 -0.86
C LYS A 273 -3.30 18.10 -0.38
N ASN A 274 -4.58 18.44 -0.45
CA ASN A 274 -5.64 17.60 0.09
C ASN A 274 -6.20 16.61 -0.92
N PHE A 275 -5.66 16.57 -2.14
CA PHE A 275 -6.20 15.69 -3.16
C PHE A 275 -5.09 14.92 -3.84
N PRO A 276 -5.31 13.64 -4.15
CA PRO A 276 -4.29 12.81 -4.82
C PRO A 276 -4.29 12.99 -6.34
N ASN A 277 -4.30 14.24 -6.79
CA ASN A 277 -4.36 14.51 -8.23
C ASN A 277 -3.05 14.15 -8.91
N TYR A 278 -3.16 13.68 -10.14
CA TYR A 278 -2.02 13.41 -11.00
C TYR A 278 -2.32 13.95 -12.39
N ASP A 279 -1.40 13.70 -13.32
CA ASP A 279 -1.51 14.21 -14.68
C ASP A 279 -1.99 13.09 -15.61
N SER A 280 -3.03 13.39 -16.40
CA SER A 280 -3.55 12.40 -17.34
C SER A 280 -2.52 12.10 -18.42
N SER A 281 -2.14 13.13 -19.19
CA SER A 281 -1.00 13.00 -20.07
C SER A 281 0.29 13.07 -19.27
N LYS A 282 1.38 12.60 -19.88
CA LYS A 282 2.70 12.60 -19.26
C LYS A 282 2.68 11.82 -17.94
N ILE A 283 2.40 10.53 -18.06
CA ILE A 283 2.41 9.61 -16.92
C ILE A 283 3.81 9.01 -16.83
N THR A 284 4.49 9.26 -15.70
CA THR A 284 5.86 8.80 -15.53
C THR A 284 5.88 7.31 -15.23
N ASN A 285 6.71 6.57 -15.95
CA ASN A 285 6.85 5.14 -15.73
C ASN A 285 7.63 4.88 -14.45
N SER A 286 7.29 3.78 -13.78
CA SER A 286 7.90 3.41 -12.51
C SER A 286 9.18 2.60 -12.68
N ALA A 287 9.71 2.53 -13.89
CA ALA A 287 10.98 1.84 -14.15
C ALA A 287 11.61 2.46 -15.39
N ARG A 288 12.86 2.85 -15.29
CA ARG A 288 13.52 3.53 -16.40
C ARG A 288 13.75 2.58 -17.56
N ASP A 289 13.87 3.15 -18.76
CA ASP A 289 13.93 2.36 -19.98
C ASP A 289 15.33 1.81 -20.21
N ARG A 290 15.37 0.64 -20.87
CA ARG A 290 16.64 0.06 -21.29
C ARG A 290 16.59 -0.27 -22.77
N SER A 291 17.62 -0.95 -23.28
CA SER A 291 17.68 -1.23 -24.72
C SER A 291 16.66 -2.26 -25.12
N SER A 292 16.71 -3.45 -24.53
CA SER A 292 15.78 -4.52 -24.86
C SER A 292 15.54 -5.36 -23.60
N ILE A 293 14.62 -6.32 -23.73
CA ILE A 293 14.30 -7.20 -22.60
C ILE A 293 15.32 -8.32 -22.46
N LYS A 294 16.09 -8.60 -23.51
CA LYS A 294 17.07 -9.68 -23.50
C LYS A 294 18.47 -9.22 -23.12
N GLN A 295 18.60 -7.99 -22.64
CA GLN A 295 19.91 -7.42 -22.27
C GLN A 295 19.78 -6.82 -20.88
N ALA A 296 20.30 -7.53 -19.87
CA ALA A 296 20.19 -7.08 -18.48
C ALA A 296 21.09 -5.90 -18.15
N ASN A 297 22.05 -5.58 -19.01
CA ASN A 297 22.99 -4.50 -18.74
C ASN A 297 22.29 -3.14 -18.80
N SER B 10 -10.95 -31.92 -3.51
CA SER B 10 -11.27 -31.42 -2.18
C SER B 10 -10.76 -30.00 -1.99
N ASP B 11 -10.23 -29.41 -3.05
CA ASP B 11 -9.73 -28.04 -3.02
C ASP B 11 -10.22 -27.16 -4.15
N ARG B 12 -10.63 -27.73 -5.28
CA ARG B 12 -11.09 -26.94 -6.41
C ARG B 12 -12.61 -26.85 -6.51
N VAL B 13 -13.32 -27.93 -6.18
CA VAL B 13 -14.77 -27.87 -6.10
C VAL B 13 -15.15 -27.21 -4.79
N ALA B 14 -16.20 -26.38 -4.83
CA ALA B 14 -16.58 -25.62 -3.65
C ALA B 14 -18.03 -25.16 -3.79
N GLN B 15 -18.67 -24.96 -2.65
CA GLN B 15 -20.02 -24.42 -2.59
C GLN B 15 -20.12 -23.49 -1.40
N LEU B 16 -20.67 -22.30 -1.62
CA LEU B 16 -20.87 -21.30 -0.58
C LEU B 16 -22.35 -20.97 -0.53
N THR B 17 -22.99 -21.31 0.58
CA THR B 17 -24.40 -21.03 0.79
C THR B 17 -24.54 -19.93 1.84
N VAL B 18 -25.24 -18.86 1.49
CA VAL B 18 -25.52 -17.75 2.40
C VAL B 18 -26.99 -17.40 2.26
N GLY B 19 -27.70 -17.35 3.38
CA GLY B 19 -29.12 -17.01 3.36
C GLY B 19 -29.96 -18.02 2.62
N ASN B 20 -30.52 -17.61 1.49
CA ASN B 20 -31.27 -18.48 0.60
C ASN B 20 -30.58 -18.67 -0.74
N SER B 21 -29.32 -18.27 -0.86
CA SER B 21 -28.59 -18.30 -2.11
C SER B 21 -27.37 -19.20 -1.98
N SER B 22 -26.99 -19.83 -3.09
CA SER B 22 -25.82 -20.69 -3.13
C SER B 22 -24.96 -20.33 -4.33
N ILE B 23 -23.69 -20.72 -4.26
CA ILE B 23 -22.73 -20.50 -5.34
C ILE B 23 -21.86 -21.74 -5.41
N THR B 24 -21.94 -22.47 -6.52
CA THR B 24 -21.12 -23.65 -6.76
C THR B 24 -20.05 -23.34 -7.78
N THR B 25 -18.88 -23.96 -7.62
CA THR B 25 -17.80 -23.82 -8.57
C THR B 25 -17.01 -25.12 -8.62
N GLN B 26 -16.55 -25.50 -9.81
CA GLN B 26 -15.85 -26.75 -10.00
C GLN B 26 -14.36 -26.58 -10.24
N GLU B 27 -13.92 -25.42 -10.73
CA GLU B 27 -12.52 -25.06 -10.77
C GLU B 27 -12.36 -23.68 -10.16
N ALA B 28 -11.47 -23.55 -9.19
CA ALA B 28 -11.30 -22.30 -8.47
C ALA B 28 -9.98 -22.32 -7.73
N ALA B 29 -9.58 -21.15 -7.24
CA ALA B 29 -8.45 -21.03 -6.35
C ALA B 29 -8.96 -21.21 -4.91
N ASN B 30 -8.12 -20.90 -3.93
CA ASN B 30 -8.55 -20.99 -2.55
C ASN B 30 -9.39 -19.77 -2.18
N ILE B 31 -10.11 -19.89 -1.07
CA ILE B 31 -10.91 -18.77 -0.56
C ILE B 31 -10.00 -17.88 0.27
N VAL B 32 -9.90 -16.62 -0.12
CA VAL B 32 -9.05 -15.66 0.59
C VAL B 32 -9.85 -15.05 1.74
N LEU B 33 -9.14 -14.70 2.80
CA LEU B 33 -9.74 -14.06 3.97
C LEU B 33 -8.93 -12.80 4.24
N ALA B 34 -9.56 -11.64 4.08
CA ALA B 34 -8.83 -10.37 4.08
C ALA B 34 -8.25 -10.09 5.46
N TYR B 35 -6.92 -10.04 5.54
CA TYR B 35 -6.18 -9.73 6.76
C TYR B 35 -6.47 -10.73 7.88
N GLY B 36 -6.83 -11.96 7.51
CA GLY B 36 -6.95 -13.04 8.47
C GLY B 36 -8.00 -12.85 9.53
N GLU B 37 -8.98 -11.97 9.32
CA GLU B 37 -10.02 -11.69 10.30
C GLU B 37 -11.38 -12.02 9.72
N TRP B 38 -12.23 -12.65 10.54
CA TRP B 38 -13.58 -13.01 10.13
C TRP B 38 -14.55 -11.89 10.50
N PRO B 39 -15.50 -11.57 9.63
CA PRO B 39 -16.50 -10.53 9.94
C PRO B 39 -17.48 -11.02 10.98
N GLU B 40 -17.55 -10.31 12.11
CA GLU B 40 -18.46 -10.64 13.18
C GLU B 40 -19.14 -9.38 13.66
N TYR B 41 -20.10 -9.55 14.57
CA TYR B 41 -20.87 -8.42 15.08
C TYR B 41 -20.00 -7.52 15.95
N CYS B 42 -20.45 -6.28 16.11
CA CYS B 42 -19.69 -5.31 16.89
C CYS B 42 -19.83 -5.62 18.38
N PRO B 43 -18.73 -5.67 19.12
CA PRO B 43 -18.81 -5.95 20.56
C PRO B 43 -19.31 -4.73 21.33
N ASP B 44 -19.63 -4.96 22.60
CA ASP B 44 -20.08 -3.89 23.47
C ASP B 44 -18.96 -2.98 23.94
N THR B 45 -17.69 -3.34 23.67
CA THR B 45 -16.57 -2.48 24.02
C THR B 45 -16.35 -1.40 22.98
N ASP B 46 -16.31 -1.78 21.71
CA ASP B 46 -16.08 -0.81 20.63
C ASP B 46 -17.30 0.03 20.32
N ALA B 47 -18.49 -0.42 20.71
CA ALA B 47 -19.72 0.28 20.36
C ALA B 47 -19.82 1.60 21.12
N THR B 48 -20.47 2.58 20.48
CA THR B 48 -20.68 3.89 21.09
C THR B 48 -22.11 4.39 20.98
N ALA B 49 -22.90 3.93 20.01
CA ALA B 49 -24.29 4.36 19.89
C ALA B 49 -25.14 3.72 20.97
N VAL B 50 -26.14 4.46 21.44
CA VAL B 50 -26.97 4.02 22.55
C VAL B 50 -28.12 3.14 22.07
N ASP B 51 -28.77 3.51 20.97
CA ASP B 51 -29.95 2.77 20.52
C ASP B 51 -29.55 1.37 20.02
N LYS B 52 -30.48 0.44 20.16
CA LYS B 52 -30.21 -0.95 19.81
C LYS B 52 -30.24 -1.13 18.29
N PRO B 53 -29.25 -1.80 17.71
CA PRO B 53 -29.29 -2.05 16.26
C PRO B 53 -30.24 -3.19 15.92
N THR B 54 -30.54 -3.29 14.63
CA THR B 54 -31.37 -4.38 14.10
C THR B 54 -30.50 -5.35 13.31
N ARG B 55 -30.93 -6.61 13.28
CA ARG B 55 -30.19 -7.66 12.61
C ARG B 55 -31.16 -8.58 11.87
N PRO B 56 -31.38 -8.34 10.57
CA PRO B 56 -32.26 -9.24 9.80
C PRO B 56 -31.65 -10.62 9.65
N ASP B 57 -30.39 -10.65 9.21
CA ASP B 57 -29.53 -11.84 9.24
C ASP B 57 -29.95 -12.89 8.20
N VAL B 58 -31.09 -12.70 7.55
CA VAL B 58 -31.52 -13.61 6.49
C VAL B 58 -31.82 -12.84 5.22
N SER B 59 -32.63 -11.79 5.33
CA SER B 59 -33.06 -11.04 4.16
C SER B 59 -31.93 -10.19 3.58
N VAL B 60 -30.99 -9.74 4.41
CA VAL B 60 -29.91 -8.88 3.97
C VAL B 60 -28.59 -9.62 3.80
N ASN B 61 -28.44 -10.81 4.36
CA ASN B 61 -27.23 -11.60 4.20
C ASN B 61 -27.52 -12.72 3.21
N ARG B 62 -27.40 -12.39 1.92
CA ARG B 62 -27.54 -13.36 0.85
C ARG B 62 -26.75 -12.84 -0.34
N PHE B 63 -26.82 -13.57 -1.46
CA PHE B 63 -26.01 -13.25 -2.63
C PHE B 63 -26.81 -12.36 -3.58
N TYR B 64 -26.38 -11.11 -3.69
CA TYR B 64 -26.89 -10.16 -4.68
C TYR B 64 -25.98 -10.18 -5.89
N THR B 65 -26.57 -10.37 -7.07
CA THR B 65 -25.83 -10.42 -8.32
C THR B 65 -26.03 -9.12 -9.08
N LEU B 66 -24.92 -8.49 -9.46
CA LEU B 66 -24.98 -7.29 -10.30
C LEU B 66 -24.94 -7.70 -11.77
N ASP B 67 -25.07 -6.71 -12.64
CA ASP B 67 -25.13 -6.98 -14.07
C ASP B 67 -23.77 -7.44 -14.58
N SER B 68 -23.73 -7.86 -15.83
CA SER B 68 -22.55 -8.49 -16.42
C SER B 68 -21.79 -7.47 -17.26
N LYS B 69 -20.46 -7.46 -17.10
CA LYS B 69 -19.59 -6.60 -17.89
C LYS B 69 -18.97 -7.41 -19.01
N MET B 70 -18.75 -6.75 -20.15
CA MET B 70 -18.25 -7.44 -21.34
C MET B 70 -16.73 -7.49 -21.30
N TRP B 71 -16.19 -8.65 -21.68
CA TRP B 71 -14.76 -8.93 -21.69
C TRP B 71 -14.35 -9.07 -23.15
N GLN B 72 -13.65 -8.05 -23.65
CA GLN B 72 -13.23 -7.89 -25.04
C GLN B 72 -11.70 -7.83 -25.10
N GLU B 73 -11.18 -7.42 -26.25
CA GLU B 73 -9.73 -7.36 -26.43
C GLU B 73 -9.13 -6.05 -25.91
N ASN B 74 -9.84 -4.92 -26.04
CA ASN B 74 -9.30 -3.61 -25.71
C ASN B 74 -9.90 -3.04 -24.43
N SER B 75 -10.13 -3.87 -23.41
CA SER B 75 -10.69 -3.38 -22.16
C SER B 75 -9.60 -2.76 -21.29
N THR B 76 -10.04 -1.98 -20.31
CA THR B 76 -9.14 -1.31 -19.37
C THR B 76 -9.37 -1.73 -17.92
N GLY B 77 -10.60 -1.93 -17.50
CA GLY B 77 -10.89 -2.33 -16.14
C GLY B 77 -12.18 -1.72 -15.65
N TRP B 78 -12.57 -2.14 -14.44
CA TRP B 78 -13.82 -1.70 -13.83
C TRP B 78 -13.61 -1.55 -12.32
N TYR B 79 -14.37 -0.66 -11.71
CA TYR B 79 -14.33 -0.50 -10.26
C TYR B 79 -15.71 -0.19 -9.71
N TRP B 80 -15.97 -0.65 -8.49
CA TRP B 80 -17.24 -0.46 -7.79
C TRP B 80 -16.96 0.05 -6.38
N LYS B 81 -17.92 0.78 -5.82
CA LYS B 81 -17.90 1.16 -4.41
C LYS B 81 -18.97 0.36 -3.68
N PHE B 82 -18.54 -0.56 -2.83
CA PHE B 82 -19.39 -1.66 -2.41
C PHE B 82 -20.52 -1.31 -1.44
N PRO B 83 -20.31 -0.41 -0.46
CA PRO B 83 -21.45 0.04 0.34
C PRO B 83 -22.40 0.95 -0.43
N ASP B 84 -22.08 1.25 -1.69
CA ASP B 84 -22.92 2.09 -2.54
C ASP B 84 -23.53 1.34 -3.71
N VAL B 85 -23.07 0.13 -4.01
CA VAL B 85 -23.72 -0.63 -5.08
C VAL B 85 -25.02 -1.26 -4.60
N LEU B 86 -25.08 -1.70 -3.34
CA LEU B 86 -26.32 -2.22 -2.80
C LEU B 86 -27.06 -1.16 -1.99
N ASN B 87 -27.47 -0.08 -2.65
CA ASN B 87 -28.35 0.91 -2.04
C ASN B 87 -29.67 1.03 -2.77
N LYS B 88 -29.90 0.21 -3.80
CA LYS B 88 -31.15 0.18 -4.53
C LYS B 88 -31.71 -1.22 -4.67
N THR B 89 -31.07 -2.24 -4.08
CA THR B 89 -31.42 -3.63 -4.30
C THR B 89 -31.96 -4.23 -3.00
N GLY B 90 -33.27 -4.44 -2.95
CA GLY B 90 -33.87 -5.29 -1.94
C GLY B 90 -33.89 -4.71 -0.52
N VAL B 91 -34.01 -5.64 0.43
CA VAL B 91 -34.14 -5.28 1.83
C VAL B 91 -32.86 -4.67 2.37
N PHE B 92 -31.70 -5.06 1.83
CA PHE B 92 -30.46 -4.41 2.23
C PHE B 92 -30.47 -2.94 1.85
N GLY B 93 -30.90 -2.64 0.62
CA GLY B 93 -30.98 -1.26 0.19
C GLY B 93 -32.00 -0.47 0.99
N GLN B 94 -33.14 -1.08 1.29
CA GLN B 94 -34.16 -0.39 2.08
C GLN B 94 -33.66 -0.09 3.50
N ASN B 95 -32.99 -1.06 4.13
CA ASN B 95 -32.44 -0.82 5.46
C ASN B 95 -31.32 0.21 5.43
N ALA B 96 -30.50 0.22 4.38
CA ALA B 96 -29.44 1.21 4.28
C ALA B 96 -29.97 2.60 3.96
N GLN B 97 -31.18 2.70 3.40
CA GLN B 97 -31.79 4.00 3.17
C GLN B 97 -32.52 4.51 4.40
N PHE B 98 -33.25 3.64 5.11
CA PHE B 98 -34.00 4.09 6.28
C PHE B 98 -33.09 4.33 7.47
N HIS B 99 -32.13 3.45 7.71
CA HIS B 99 -31.26 3.57 8.86
C HIS B 99 -30.17 4.61 8.59
N TYR B 100 -29.37 4.91 9.61
CA TYR B 100 -28.34 5.93 9.52
C TYR B 100 -26.94 5.41 9.76
N LEU B 101 -26.77 4.34 10.53
CA LEU B 101 -25.47 3.74 10.77
C LEU B 101 -25.47 2.33 10.19
N TYR B 102 -24.29 1.90 9.74
CA TYR B 102 -24.17 0.63 9.03
C TYR B 102 -22.82 -0.01 9.33
N ARG B 103 -22.82 -1.33 9.48
CA ARG B 103 -21.59 -2.09 9.69
C ARG B 103 -21.79 -3.52 9.22
N SER B 104 -20.96 -3.96 8.28
CA SER B 104 -21.02 -5.35 7.84
C SER B 104 -19.74 -5.73 7.14
N GLY B 105 -19.49 -7.04 7.06
CA GLY B 105 -18.47 -7.59 6.21
C GLY B 105 -19.08 -8.07 4.91
N PHE B 106 -18.21 -8.39 3.94
CA PHE B 106 -18.65 -8.78 2.62
C PHE B 106 -17.98 -10.08 2.20
N CYS B 107 -18.50 -10.67 1.13
CA CYS B 107 -17.92 -11.85 0.50
C CYS B 107 -18.17 -11.71 -0.99
N LEU B 108 -17.10 -11.57 -1.77
CA LEU B 108 -17.18 -11.17 -3.17
C LEU B 108 -16.69 -12.32 -4.03
N HIS B 109 -17.56 -12.80 -4.93
CA HIS B 109 -17.23 -13.82 -5.90
C HIS B 109 -17.30 -13.20 -7.29
N VAL B 110 -16.30 -13.49 -8.12
CA VAL B 110 -16.25 -12.98 -9.49
C VAL B 110 -16.12 -14.17 -10.41
N GLN B 111 -17.13 -14.39 -11.25
CA GLN B 111 -17.14 -15.45 -12.24
C GLN B 111 -16.78 -14.89 -13.61
N CYS B 112 -15.77 -15.49 -14.24
CA CYS B 112 -15.44 -15.22 -15.64
C CYS B 112 -14.87 -16.52 -16.22
N ASN B 113 -15.73 -17.31 -16.83
CA ASN B 113 -15.33 -18.60 -17.37
C ASN B 113 -14.92 -18.47 -18.82
N ALA B 114 -14.06 -19.39 -19.25
CA ALA B 114 -13.58 -19.44 -20.62
C ALA B 114 -13.25 -20.88 -20.97
N SER B 115 -12.90 -21.12 -22.22
CA SER B 115 -12.61 -22.45 -22.71
C SER B 115 -11.12 -22.76 -22.49
N LYS B 116 -10.68 -23.89 -23.04
CA LYS B 116 -9.28 -24.31 -22.94
C LYS B 116 -8.44 -23.78 -24.10
N PHE B 117 -9.00 -22.92 -24.94
CA PHE B 117 -8.28 -22.31 -26.04
C PHE B 117 -8.13 -20.80 -25.89
N HIS B 118 -8.75 -20.19 -24.89
CA HIS B 118 -8.61 -18.77 -24.61
C HIS B 118 -7.48 -18.54 -23.60
N GLN B 119 -7.04 -17.29 -23.51
CA GLN B 119 -5.98 -16.93 -22.58
C GLN B 119 -6.15 -15.49 -22.15
N GLY B 120 -5.67 -15.20 -20.94
CA GLY B 120 -5.80 -13.88 -20.38
C GLY B 120 -5.54 -13.92 -18.89
N ALA B 121 -5.68 -12.75 -18.27
CA ALA B 121 -5.46 -12.65 -16.83
C ALA B 121 -6.25 -11.48 -16.27
N LEU B 122 -6.87 -11.70 -15.11
CA LEU B 122 -7.64 -10.67 -14.42
C LEU B 122 -7.13 -10.53 -13.00
N LEU B 123 -6.82 -9.30 -12.59
CA LEU B 123 -6.45 -9.01 -11.20
C LEU B 123 -7.68 -8.47 -10.49
N VAL B 124 -8.17 -9.20 -9.48
CA VAL B 124 -9.37 -8.80 -8.74
C VAL B 124 -8.97 -8.56 -7.28
N ALA B 125 -9.10 -7.31 -6.83
CA ALA B 125 -8.63 -6.93 -5.51
C ALA B 125 -9.55 -5.88 -4.92
N VAL B 126 -9.49 -5.75 -3.60
CA VAL B 126 -10.24 -4.70 -2.84
C VAL B 126 -9.22 -3.66 -2.39
N ILE B 127 -9.69 -2.43 -2.25
CA ILE B 127 -8.89 -1.35 -1.68
C ILE B 127 -9.71 -0.62 -0.63
N PRO B 128 -9.36 -0.71 0.65
CA PRO B 128 -10.09 0.06 1.67
C PRO B 128 -9.84 1.55 1.49
N GLU B 129 -10.94 2.31 1.47
CA GLU B 129 -10.91 3.75 1.24
C GLU B 129 -10.25 4.07 -0.10
N PHE B 130 -10.84 3.52 -1.15
CA PHE B 130 -10.32 3.67 -2.51
C PHE B 130 -10.77 5.02 -3.06
N VAL B 131 -9.85 5.98 -3.07
CA VAL B 131 -10.16 7.36 -3.43
C VAL B 131 -9.86 7.56 -4.91
N ILE B 132 -10.83 8.13 -5.64
CA ILE B 132 -10.64 8.42 -7.05
C ILE B 132 -9.93 9.76 -7.20
N ALA B 133 -8.95 9.80 -8.08
CA ALA B 133 -8.20 11.02 -8.36
C ALA B 133 -8.76 11.73 -9.58
N GLY B 134 -8.45 13.03 -9.66
CA GLY B 134 -8.86 13.84 -10.78
C GLY B 134 -7.70 14.08 -11.72
N ARG B 135 -7.88 13.69 -12.98
CA ARG B 135 -6.82 13.78 -13.97
C ARG B 135 -6.72 15.21 -14.50
N GLY B 136 -5.51 15.75 -14.50
CA GLY B 136 -5.30 17.10 -14.97
C GLY B 136 -4.18 17.83 -14.24
N SER B 137 -3.35 18.55 -14.98
CA SER B 137 -2.21 19.26 -14.40
C SER B 137 -2.66 20.66 -14.01
N ASN B 138 -3.09 20.81 -12.76
CA ASN B 138 -3.53 22.10 -12.24
C ASN B 138 -3.16 22.17 -10.77
N THR B 139 -2.24 23.08 -10.43
CA THR B 139 -1.76 23.21 -9.06
C THR B 139 -2.53 24.23 -8.25
N LYS B 140 -3.50 24.92 -8.84
CA LYS B 140 -4.32 25.85 -8.10
C LYS B 140 -5.48 25.10 -7.45
N PRO B 141 -5.67 25.21 -6.12
CA PRO B 141 -6.67 24.35 -5.47
C PRO B 141 -8.10 24.71 -5.83
N ASN B 142 -8.38 25.96 -6.18
CA ASN B 142 -9.74 26.42 -6.43
C ASN B 142 -10.16 26.31 -7.88
N GLU B 143 -9.36 25.64 -8.72
CA GLU B 143 -9.71 25.44 -10.13
C GLU B 143 -9.47 24.03 -10.64
N ALA B 144 -8.68 23.20 -9.93
CA ALA B 144 -8.32 21.86 -10.35
C ALA B 144 -9.54 21.00 -10.66
N PRO B 145 -9.41 20.02 -11.56
CA PRO B 145 -10.56 19.19 -11.94
C PRO B 145 -10.80 18.08 -10.93
N HIS B 146 -12.04 17.97 -10.46
CA HIS B 146 -12.45 16.93 -9.53
C HIS B 146 -13.42 15.96 -10.21
N PRO B 147 -13.44 14.70 -9.80
CA PRO B 147 -14.34 13.73 -10.44
C PRO B 147 -15.79 13.95 -10.04
N GLY B 148 -16.69 13.55 -10.95
CA GLY B 148 -18.11 13.71 -10.75
C GLY B 148 -18.67 12.72 -9.74
N PHE B 149 -19.98 12.85 -9.51
CA PHE B 149 -20.64 11.95 -8.56
C PHE B 149 -20.80 10.55 -9.12
N THR B 150 -20.99 10.42 -10.44
CA THR B 150 -21.10 9.10 -11.04
C THR B 150 -19.75 8.45 -11.29
N THR B 151 -18.65 9.19 -11.14
CA THR B 151 -17.31 8.64 -11.22
C THR B 151 -16.83 8.15 -9.87
N THR B 152 -17.14 8.89 -8.81
CA THR B 152 -16.76 8.48 -7.46
C THR B 152 -17.65 7.35 -6.95
N PHE B 153 -18.97 7.48 -7.12
CA PHE B 153 -19.94 6.48 -6.72
C PHE B 153 -20.60 5.90 -7.96
N PRO B 154 -20.02 4.88 -8.59
CA PRO B 154 -20.63 4.34 -9.82
C PRO B 154 -21.98 3.68 -9.58
N GLY B 155 -22.09 2.85 -8.56
CA GLY B 155 -23.34 2.18 -8.26
C GLY B 155 -23.37 0.75 -8.80
N THR B 156 -24.60 0.28 -8.98
CA THR B 156 -24.83 -1.08 -9.46
C THR B 156 -24.53 -1.26 -10.94
N THR B 157 -23.97 -0.24 -11.60
CA THR B 157 -23.60 -0.33 -13.01
C THR B 157 -22.11 -0.18 -13.25
N GLY B 158 -21.31 0.09 -12.21
CA GLY B 158 -19.87 0.12 -12.35
C GLY B 158 -19.32 1.27 -13.16
N ALA B 159 -18.01 1.39 -13.21
CA ALA B 159 -17.35 2.44 -13.97
C ALA B 159 -16.00 1.93 -14.46
N THR B 160 -15.62 2.32 -15.67
CA THR B 160 -14.38 1.87 -16.28
C THR B 160 -13.24 2.82 -15.95
N PHE B 161 -12.02 2.29 -16.03
CA PHE B 161 -10.82 3.07 -15.79
C PHE B 161 -10.45 3.92 -16.99
N HIS B 162 -9.58 4.89 -16.74
CA HIS B 162 -8.89 5.64 -17.78
C HIS B 162 -7.41 5.30 -17.86
N ASP B 163 -6.75 5.15 -16.71
CA ASP B 163 -5.35 4.73 -16.62
C ASP B 163 -5.24 3.63 -15.58
N PRO B 164 -5.38 2.36 -15.98
CA PRO B 164 -5.21 1.26 -15.02
C PRO B 164 -3.77 1.09 -14.57
N TYR B 165 -2.81 1.78 -15.19
CA TYR B 165 -1.42 1.67 -14.77
C TYR B 165 -1.17 2.38 -13.46
N VAL B 166 -1.99 3.37 -13.11
CA VAL B 166 -1.86 4.10 -11.86
C VAL B 166 -3.15 4.03 -11.03
N LEU B 167 -4.03 3.08 -11.36
CA LEU B 167 -5.26 2.83 -10.61
C LEU B 167 -6.17 4.04 -10.53
N ASP B 168 -6.01 4.99 -11.45
CA ASP B 168 -6.74 6.27 -11.42
C ASP B 168 -6.58 6.98 -10.08
N SER B 169 -5.45 6.73 -9.41
CA SER B 169 -5.17 7.37 -8.13
C SER B 169 -3.72 7.81 -7.96
N GLY B 170 -2.87 7.65 -8.96
CA GLY B 170 -1.46 7.95 -8.79
C GLY B 170 -0.69 6.88 -8.05
N VAL B 171 -1.19 5.65 -8.03
CA VAL B 171 -0.57 4.56 -7.29
C VAL B 171 -0.35 3.39 -8.24
N PRO B 172 0.85 2.84 -8.34
CA PRO B 172 1.11 1.80 -9.34
C PRO B 172 0.38 0.51 -9.01
N LEU B 173 -0.28 -0.07 -10.01
CA LEU B 173 -1.01 -1.31 -9.82
C LEU B 173 -0.10 -2.52 -9.70
N SER B 174 1.20 -2.36 -9.94
CA SER B 174 2.13 -3.44 -9.67
C SER B 174 2.16 -3.75 -8.18
N GLN B 175 2.16 -2.72 -7.34
CA GLN B 175 2.16 -2.87 -5.89
C GLN B 175 0.76 -3.09 -5.33
N ALA B 176 -0.26 -3.25 -6.18
CA ALA B 176 -1.61 -3.52 -5.71
C ALA B 176 -1.78 -4.93 -5.17
N LEU B 177 -0.70 -5.70 -5.06
CA LEU B 177 -0.76 -7.03 -4.48
C LEU B 177 -0.61 -7.01 -2.96
N ILE B 178 -0.40 -5.84 -2.37
CA ILE B 178 -0.43 -5.72 -0.92
C ILE B 178 -1.86 -5.80 -0.39
N TYR B 179 -2.84 -5.51 -1.23
CA TYR B 179 -4.25 -5.63 -0.87
C TYR B 179 -4.67 -7.08 -0.91
N PRO B 180 -5.82 -7.42 -0.31
CA PRO B 180 -6.41 -8.75 -0.55
C PRO B 180 -6.82 -8.89 -1.99
N HIS B 181 -6.30 -9.92 -2.65
CA HIS B 181 -6.44 -10.01 -4.10
C HIS B 181 -6.42 -11.47 -4.53
N GLN B 182 -6.90 -11.69 -5.77
CA GLN B 182 -6.73 -12.95 -6.46
C GLN B 182 -6.54 -12.69 -7.95
N TRP B 183 -6.20 -13.77 -8.65
CA TRP B 183 -6.00 -13.77 -10.09
C TRP B 183 -6.99 -14.72 -10.74
N ILE B 184 -7.69 -14.23 -11.75
CA ILE B 184 -8.50 -15.08 -12.62
C ILE B 184 -7.63 -15.35 -13.84
N ASN B 185 -6.95 -16.50 -13.82
CA ASN B 185 -6.19 -16.99 -14.96
C ASN B 185 -7.03 -18.03 -15.68
N LEU B 186 -7.28 -17.80 -16.96
CA LEU B 186 -8.27 -18.60 -17.68
C LEU B 186 -7.84 -20.06 -17.90
N ARG B 187 -6.64 -20.46 -17.46
CA ARG B 187 -6.23 -21.85 -17.55
C ARG B 187 -6.16 -22.55 -16.19
N THR B 188 -6.33 -21.83 -15.09
CA THR B 188 -6.31 -22.41 -13.76
C THR B 188 -7.66 -22.35 -13.09
N ASN B 189 -8.26 -21.16 -12.98
CA ASN B 189 -9.56 -20.98 -12.34
C ASN B 189 -10.45 -20.14 -13.24
N ASN B 190 -11.76 -20.29 -13.05
CA ASN B 190 -12.75 -19.50 -13.76
C ASN B 190 -13.50 -18.55 -12.83
N CYS B 191 -13.01 -18.36 -11.62
CA CYS B 191 -13.66 -17.49 -10.65
C CYS B 191 -12.68 -17.16 -9.53
N ALA B 192 -13.04 -16.15 -8.75
CA ALA B 192 -12.23 -15.69 -7.63
C ALA B 192 -13.15 -15.32 -6.47
N THR B 193 -12.65 -15.47 -5.25
CA THR B 193 -13.46 -15.19 -4.06
C THR B 193 -12.61 -14.53 -2.99
N VAL B 194 -13.17 -13.47 -2.38
CA VAL B 194 -12.48 -12.71 -1.34
C VAL B 194 -13.49 -12.35 -0.26
N ILE B 195 -13.24 -12.79 0.97
CA ILE B 195 -14.05 -12.44 2.13
C ILE B 195 -13.39 -11.27 2.85
N VAL B 196 -14.14 -10.21 3.13
CA VAL B 196 -13.58 -8.99 3.68
C VAL B 196 -14.29 -8.61 4.97
N PRO B 197 -13.57 -8.35 6.07
CA PRO B 197 -14.21 -7.86 7.29
C PRO B 197 -14.56 -6.38 7.20
N TYR B 198 -15.07 -5.80 8.28
CA TYR B 198 -15.41 -4.38 8.29
C TYR B 198 -14.18 -3.59 8.70
N ILE B 199 -13.51 -3.00 7.72
CA ILE B 199 -12.26 -2.26 7.95
C ILE B 199 -12.59 -0.78 7.96
N ASN B 200 -12.55 -0.17 9.16
CA ASN B 200 -12.84 1.24 9.28
C ASN B 200 -12.33 1.74 10.63
N ALA B 201 -12.05 3.04 10.70
CA ALA B 201 -11.57 3.67 11.91
C ALA B 201 -12.69 4.08 12.86
N VAL B 202 -13.94 3.78 12.52
CA VAL B 202 -15.09 4.10 13.37
C VAL B 202 -15.98 2.86 13.45
N PRO B 203 -16.62 2.59 14.59
CA PRO B 203 -17.43 1.37 14.71
C PRO B 203 -18.61 1.34 13.75
N PHE B 204 -19.42 2.39 13.74
CA PHE B 204 -20.55 2.49 12.80
C PHE B 204 -20.32 3.68 11.87
N ASP B 205 -20.85 3.56 10.66
CA ASP B 205 -20.75 4.62 9.68
C ASP B 205 -21.92 4.50 8.69
N SER B 206 -22.21 5.60 8.02
CA SER B 206 -23.34 5.64 7.10
C SER B 206 -23.00 4.95 5.79
N ALA B 207 -23.97 4.20 5.26
CA ALA B 207 -23.82 3.45 4.01
C ALA B 207 -24.33 4.21 2.80
N ILE B 208 -24.32 5.54 2.83
CA ILE B 208 -24.86 6.37 1.76
C ILE B 208 -23.81 7.32 1.20
N ASN B 209 -23.17 8.10 2.06
CA ASN B 209 -22.16 9.06 1.64
C ASN B 209 -20.75 8.61 2.00
N HIS B 210 -20.54 7.31 2.20
CA HIS B 210 -19.22 6.79 2.54
C HIS B 210 -19.15 5.34 2.12
N SER B 211 -18.21 5.02 1.23
CA SER B 211 -17.98 3.66 0.75
C SER B 211 -16.67 3.15 1.33
N ASN B 212 -16.76 2.04 2.08
CA ASN B 212 -15.58 1.53 2.79
C ASN B 212 -14.46 1.18 1.81
N PHE B 213 -14.72 0.29 0.87
CA PHE B 213 -13.68 -0.25 0.00
C PHE B 213 -14.19 -0.27 -1.44
N GLY B 214 -13.47 -0.97 -2.31
CA GLY B 214 -13.88 -1.09 -3.69
C GLY B 214 -13.13 -2.17 -4.46
N LEU B 215 -13.88 -2.99 -5.20
CA LEU B 215 -13.28 -4.03 -6.03
C LEU B 215 -12.78 -3.43 -7.34
N ILE B 216 -11.76 -4.07 -7.91
CA ILE B 216 -11.18 -3.65 -9.17
C ILE B 216 -10.79 -4.90 -9.95
N VAL B 217 -11.46 -5.15 -11.06
CA VAL B 217 -11.04 -6.18 -12.01
C VAL B 217 -10.27 -5.49 -13.13
N ILE B 218 -9.03 -5.93 -13.36
CA ILE B 218 -8.15 -5.23 -14.29
C ILE B 218 -7.50 -6.24 -15.22
N PRO B 219 -7.63 -6.08 -16.54
CA PRO B 219 -6.95 -7.01 -17.46
C PRO B 219 -5.45 -6.80 -17.50
N VAL B 220 -4.69 -7.69 -16.90
CA VAL B 220 -3.24 -7.58 -16.94
C VAL B 220 -2.70 -8.14 -18.25
N SER B 221 -3.01 -9.40 -18.54
CA SER B 221 -2.70 -10.11 -19.81
C SER B 221 -3.97 -10.07 -20.66
N PRO B 222 -3.98 -9.49 -21.86
CA PRO B 222 -5.25 -9.35 -22.61
C PRO B 222 -5.85 -10.69 -23.00
N LEU B 223 -7.13 -10.62 -23.38
CA LEU B 223 -7.86 -11.80 -23.83
C LEU B 223 -7.54 -12.08 -25.29
N LYS B 224 -7.00 -13.26 -25.56
CA LYS B 224 -6.58 -13.66 -26.91
C LYS B 224 -7.20 -15.03 -27.22
N TYR B 225 -7.51 -15.23 -28.50
CA TYR B 225 -8.08 -16.48 -28.96
C TYR B 225 -7.90 -16.58 -30.47
N SER B 226 -8.24 -17.75 -31.01
CA SER B 226 -8.19 -18.00 -32.44
C SER B 226 -9.56 -17.80 -33.07
N SER B 227 -9.57 -17.61 -34.38
CA SER B 227 -10.81 -17.40 -35.11
C SER B 227 -11.70 -18.63 -35.00
N GLY B 228 -12.97 -18.42 -34.67
CA GLY B 228 -13.95 -19.47 -34.48
C GLY B 228 -14.42 -19.60 -33.04
N ALA B 229 -13.58 -19.23 -32.08
CA ALA B 229 -13.96 -19.30 -30.67
C ALA B 229 -14.95 -18.20 -30.33
N THR B 230 -15.70 -18.43 -29.25
CA THR B 230 -16.63 -17.42 -28.76
C THR B 230 -15.88 -16.14 -28.40
N THR B 231 -16.40 -15.01 -28.89
CA THR B 231 -15.68 -13.74 -28.81
C THR B 231 -15.93 -13.00 -27.49
N ALA B 232 -17.19 -12.69 -27.20
CA ALA B 232 -17.54 -11.85 -26.06
C ALA B 232 -17.56 -12.70 -24.79
N ILE B 233 -16.66 -12.39 -23.85
CA ILE B 233 -16.55 -13.17 -22.62
C ILE B 233 -17.25 -12.41 -21.50
N PRO B 234 -18.33 -12.92 -20.93
CA PRO B 234 -19.02 -12.18 -19.87
C PRO B 234 -18.29 -12.27 -18.54
N ILE B 235 -18.52 -11.25 -17.71
CA ILE B 235 -17.95 -11.19 -16.37
C ILE B 235 -19.07 -10.83 -15.40
N THR B 236 -19.24 -11.65 -14.37
CA THR B 236 -20.31 -11.48 -13.40
C THR B 236 -19.71 -11.40 -12.01
N ILE B 237 -20.31 -10.60 -11.12
CA ILE B 237 -19.86 -10.49 -9.75
C ILE B 237 -21.06 -10.66 -8.82
N THR B 238 -20.95 -11.60 -7.89
CA THR B 238 -21.99 -11.90 -6.91
C THR B 238 -21.44 -11.64 -5.52
N ILE B 239 -22.15 -10.84 -4.73
CA ILE B 239 -21.60 -10.38 -3.46
C ILE B 239 -22.57 -10.70 -2.33
N ALA B 240 -22.03 -10.73 -1.12
CA ALA B 240 -22.85 -11.11 0.04
C ALA B 240 -22.46 -10.30 1.27
N PRO B 241 -23.35 -9.45 1.78
CA PRO B 241 -23.04 -8.67 2.99
C PRO B 241 -23.11 -9.47 4.26
N LEU B 242 -22.03 -10.18 4.62
CA LEU B 242 -22.04 -11.01 5.82
C LEU B 242 -22.09 -10.16 7.08
N ASN B 243 -22.97 -10.54 8.02
CA ASN B 243 -23.06 -9.95 9.36
C ASN B 243 -23.38 -8.45 9.28
N SER B 244 -24.59 -8.15 8.81
CA SER B 244 -25.03 -6.78 8.63
C SER B 244 -25.67 -6.23 9.89
N GLU B 245 -25.39 -4.97 10.18
CA GLU B 245 -25.97 -4.26 11.30
C GLU B 245 -26.34 -2.85 10.86
N PHE B 246 -27.52 -2.41 11.28
CA PHE B 246 -28.05 -1.10 10.95
C PHE B 246 -28.47 -0.39 12.23
N GLY B 247 -28.48 0.94 12.17
CA GLY B 247 -28.83 1.73 13.34
C GLY B 247 -29.37 3.08 12.95
N GLY B 248 -30.04 3.73 13.91
CA GLY B 248 -30.56 5.06 13.71
C GLY B 248 -31.69 5.13 12.70
N LEU B 249 -32.83 4.53 13.03
CA LEU B 249 -33.96 4.51 12.11
C LEU B 249 -34.63 5.88 12.06
N ARG B 250 -34.78 6.42 10.85
CA ARG B 250 -35.49 7.68 10.64
C ARG B 250 -36.05 7.65 9.23
N GLN B 251 -36.49 8.82 8.75
CA GLN B 251 -37.06 9.00 7.39
C GLN B 251 -36.09 8.43 6.35
N ALA B 252 -36.61 8.01 5.20
CA ALA B 252 -35.81 7.39 4.17
C ALA B 252 -35.16 8.45 3.28
N VAL B 253 -33.86 8.33 3.07
CA VAL B 253 -33.11 9.20 2.16
C VAL B 253 -32.38 8.34 1.14
N SER B 254 -32.32 8.82 -0.10
CA SER B 254 -31.66 8.08 -1.17
C SER B 254 -30.20 8.46 -1.32
N GLN B 255 -29.88 9.75 -1.23
CA GLN B 255 -28.50 10.20 -1.36
C GLN B 255 -28.32 11.57 -0.72
N GLY C 1 21.48 25.94 44.63
CA GLY C 1 21.18 24.77 43.83
C GLY C 1 22.35 23.83 43.68
N ILE C 2 22.22 22.88 42.75
CA ILE C 2 23.28 21.90 42.50
C ILE C 2 24.31 22.53 41.57
N PRO C 3 25.60 22.24 41.74
CA PRO C 3 26.58 22.68 40.75
C PRO C 3 26.54 21.79 39.51
N ALA C 4 26.73 22.43 38.35
CA ALA C 4 26.64 21.71 37.10
C ALA C 4 27.46 22.43 36.03
N GLU C 5 27.86 21.67 35.02
CA GLU C 5 28.54 22.20 33.86
C GLU C 5 27.80 21.79 32.59
N LEU C 6 27.82 22.66 31.60
CA LEU C 6 27.22 22.37 30.31
C LEU C 6 28.31 21.91 29.34
N ARG C 7 27.97 20.92 28.53
CA ARG C 7 28.89 20.23 27.65
C ARG C 7 28.56 20.51 26.19
N PRO C 8 29.46 20.18 25.26
CA PRO C 8 29.11 20.27 23.84
C PRO C 8 27.91 19.40 23.52
N GLY C 9 27.07 19.90 22.62
CA GLY C 9 25.77 19.31 22.38
C GLY C 9 24.64 20.09 23.03
N THR C 10 24.95 21.15 23.77
CA THR C 10 23.92 21.99 24.37
C THR C 10 23.29 22.88 23.32
N ASN C 11 21.97 23.07 23.44
CA ASN C 11 21.20 23.98 22.60
C ASN C 11 21.17 23.53 21.14
N GLN C 12 21.28 22.23 20.89
CA GLN C 12 21.18 21.68 19.54
C GLN C 12 19.87 20.92 19.41
N PHE C 13 19.29 20.96 18.21
CA PHE C 13 18.05 20.25 17.91
C PHE C 13 18.39 19.09 16.96
N LEU C 14 18.69 17.94 17.55
CA LEU C 14 18.96 16.75 16.75
C LEU C 14 17.66 16.18 16.21
N THR C 15 17.68 15.82 14.93
CA THR C 15 16.46 15.35 14.27
C THR C 15 16.03 13.98 14.79
N THR C 16 16.96 13.02 14.78
CA THR C 16 16.66 11.65 15.19
C THR C 16 16.93 11.40 16.66
N ASP C 17 16.78 12.41 17.51
CA ASP C 17 17.01 12.27 18.94
C ASP C 17 15.75 11.77 19.64
N ASP C 18 15.96 11.04 20.74
CA ASP C 18 14.88 10.50 21.56
C ASP C 18 14.87 11.26 22.88
N ASP C 19 13.98 12.25 22.98
CA ASP C 19 13.90 13.10 24.16
C ASP C 19 12.46 13.48 24.39
N THR C 20 12.12 13.73 25.66
CA THR C 20 10.76 14.09 26.03
C THR C 20 10.52 15.59 25.79
N ALA C 21 9.24 15.95 25.68
CA ALA C 21 8.81 17.33 25.48
C ALA C 21 7.66 17.64 26.43
N ALA C 22 7.51 18.93 26.73
CA ALA C 22 6.45 19.35 27.65
C ALA C 22 5.10 19.31 26.94
N PRO C 23 4.06 18.76 27.57
CA PRO C 23 2.75 18.65 26.91
C PRO C 23 2.05 20.00 26.85
N ILE C 24 0.97 20.03 26.05
CA ILE C 24 0.20 21.23 25.86
C ILE C 24 -1.18 21.15 26.50
N LEU C 25 -1.83 19.99 26.47
CA LEU C 25 -3.15 19.81 27.06
C LEU C 25 -3.01 19.01 28.35
N PRO C 26 -3.22 19.62 29.52
CA PRO C 26 -3.06 18.88 30.78
C PRO C 26 -4.27 18.01 31.06
N GLY C 27 -4.01 16.83 31.61
CA GLY C 27 -5.09 15.91 31.96
C GLY C 27 -5.84 15.36 30.78
N PHE C 28 -5.19 15.26 29.63
CA PHE C 28 -5.86 14.78 28.43
C PHE C 28 -5.88 13.26 28.39
N THR C 29 -6.95 12.71 27.80
CA THR C 29 -7.11 11.28 27.59
C THR C 29 -7.69 11.15 26.19
N PRO C 30 -7.06 10.42 25.29
CA PRO C 30 -7.49 10.39 23.89
C PRO C 30 -8.75 9.55 23.71
N THR C 31 -9.20 9.48 22.46
CA THR C 31 -10.36 8.67 22.13
C THR C 31 -10.02 7.19 22.26
N PRO C 32 -10.92 6.39 22.83
CA PRO C 32 -10.62 4.95 23.00
C PRO C 32 -10.35 4.27 21.66
N THR C 33 -9.38 3.36 21.67
CA THR C 33 -9.01 2.63 20.48
C THR C 33 -10.02 1.52 20.18
N ILE C 34 -10.26 1.29 18.89
CA ILE C 34 -11.09 0.18 18.47
C ILE C 34 -10.21 -0.81 17.71
N HIS C 35 -10.79 -1.94 17.32
CA HIS C 35 -10.04 -2.97 16.60
C HIS C 35 -10.21 -2.77 15.09
N ILE C 36 -9.11 -2.51 14.40
CA ILE C 36 -9.10 -2.36 12.95
C ILE C 36 -8.26 -3.50 12.39
N PRO C 37 -8.79 -4.31 11.48
CA PRO C 37 -8.01 -5.45 10.97
C PRO C 37 -6.85 -4.99 10.11
N GLY C 38 -5.73 -5.71 10.24
CA GLY C 38 -4.56 -5.42 9.43
C GLY C 38 -3.61 -4.42 10.02
N GLU C 39 -3.17 -4.65 11.26
CA GLU C 39 -2.19 -3.79 11.90
C GLU C 39 -0.79 -4.30 11.59
N VAL C 40 0.07 -3.40 11.11
CA VAL C 40 1.44 -3.73 10.77
C VAL C 40 2.35 -3.29 11.91
N HIS C 41 3.40 -4.05 12.17
CA HIS C 41 4.33 -3.77 13.25
C HIS C 41 5.73 -3.43 12.79
N SER C 42 6.17 -3.99 11.67
CA SER C 42 7.47 -3.66 11.09
C SER C 42 7.31 -3.56 9.58
N LEU C 43 8.37 -3.13 8.91
CA LEU C 43 8.34 -3.00 7.46
C LEU C 43 8.77 -4.28 6.75
N LEU C 44 9.30 -5.26 7.49
CA LEU C 44 9.61 -6.55 6.90
C LEU C 44 8.37 -7.37 6.59
N GLU C 45 7.21 -6.98 7.10
CA GLU C 45 5.97 -7.66 6.75
C GLU C 45 5.48 -7.27 5.36
N LEU C 46 5.82 -6.07 4.90
CA LEU C 46 5.48 -5.62 3.56
C LEU C 46 6.48 -6.07 2.51
N CYS C 47 7.68 -6.48 2.90
CA CYS C 47 8.70 -6.90 1.96
C CYS C 47 8.56 -8.35 1.53
N ARG C 48 7.73 -9.14 2.21
CA ARG C 48 7.55 -10.55 1.88
C ARG C 48 6.27 -10.81 1.09
N VAL C 49 5.72 -9.78 0.43
CA VAL C 49 4.54 -9.92 -0.41
C VAL C 49 4.98 -9.82 -1.86
N GLU C 50 4.53 -10.77 -2.69
CA GLU C 50 4.87 -10.75 -4.10
C GLU C 50 4.33 -9.48 -4.76
N THR C 51 5.07 -8.98 -5.74
CA THR C 51 4.69 -7.75 -6.42
C THR C 51 5.26 -7.77 -7.83
N ILE C 52 4.42 -7.43 -8.81
CA ILE C 52 4.76 -7.61 -10.21
C ILE C 52 5.98 -6.76 -10.56
N LEU C 53 7.03 -7.41 -11.06
CA LEU C 53 8.20 -6.71 -11.55
C LEU C 53 7.98 -6.21 -12.97
N GLU C 54 8.58 -5.06 -13.27
CA GLU C 54 8.48 -4.45 -14.60
C GLU C 54 9.72 -4.81 -15.41
N VAL C 55 9.75 -6.06 -15.87
CA VAL C 55 10.88 -6.57 -16.63
C VAL C 55 10.87 -6.08 -18.07
N ASN C 56 9.72 -5.70 -18.60
CA ASN C 56 9.57 -5.23 -19.98
C ASN C 56 9.58 -3.72 -20.07
N ASN C 57 10.38 -3.06 -19.23
CA ASN C 57 10.43 -1.60 -19.09
C ASN C 57 11.11 -0.91 -20.26
N THR C 58 11.32 -1.59 -21.39
CA THR C 58 12.00 -0.99 -22.53
C THR C 58 11.11 0.05 -23.20
N THR C 59 11.61 0.60 -24.30
CA THR C 59 10.86 1.58 -25.09
C THR C 59 9.81 0.83 -25.91
N GLU C 60 9.16 1.54 -26.85
CA GLU C 60 8.09 1.03 -27.71
C GLU C 60 7.11 0.14 -26.93
N ALA C 61 6.91 0.47 -25.67
CA ALA C 61 6.02 -0.28 -24.77
C ALA C 61 4.89 0.62 -24.30
N THR C 62 3.70 0.04 -24.20
CA THR C 62 2.53 0.79 -23.76
C THR C 62 2.54 0.92 -22.24
N GLY C 63 1.42 1.36 -21.67
CA GLY C 63 1.35 1.55 -20.23
C GLY C 63 1.47 0.27 -19.43
N LEU C 64 0.50 -0.62 -19.58
CA LEU C 64 0.45 -1.83 -18.75
C LEU C 64 1.27 -2.97 -19.30
N THR C 65 1.44 -3.06 -20.63
CA THR C 65 2.18 -4.17 -21.24
C THR C 65 3.66 -4.15 -20.90
N ARG C 66 4.08 -3.22 -20.04
CA ARG C 66 5.43 -3.24 -19.49
C ARG C 66 5.59 -4.30 -18.42
N LEU C 67 4.50 -4.91 -17.94
CA LEU C 67 4.56 -5.88 -16.85
C LEU C 67 4.64 -7.33 -17.33
N LEU C 68 4.71 -7.58 -18.64
CA LEU C 68 4.57 -8.92 -19.20
C LEU C 68 5.82 -9.30 -19.96
N ILE C 69 6.24 -10.56 -19.81
CA ILE C 69 7.36 -11.12 -20.56
C ILE C 69 6.77 -11.96 -21.70
N PRO C 70 6.93 -11.55 -22.96
CA PRO C 70 6.34 -12.32 -24.07
C PRO C 70 7.07 -13.63 -24.30
N VAL C 71 6.30 -14.70 -24.52
CA VAL C 71 6.84 -16.02 -24.83
C VAL C 71 6.13 -16.52 -26.08
N SER C 72 6.90 -17.07 -27.02
CA SER C 72 6.34 -17.54 -28.28
C SER C 72 7.17 -18.70 -28.81
N SER C 73 6.66 -19.32 -29.87
CA SER C 73 7.35 -20.46 -30.47
C SER C 73 8.62 -20.01 -31.17
N GLN C 74 9.67 -20.80 -31.03
CA GLN C 74 10.96 -20.51 -31.61
C GLN C 74 11.19 -21.37 -32.85
N ASN C 75 12.32 -21.14 -33.50
CA ASN C 75 12.80 -21.99 -34.59
C ASN C 75 14.17 -22.57 -34.30
N LYS C 76 15.05 -21.81 -33.67
CA LYS C 76 16.34 -22.30 -33.20
C LYS C 76 16.25 -22.61 -31.72
N ALA C 77 16.97 -23.65 -31.30
CA ALA C 77 16.89 -24.12 -29.94
C ALA C 77 17.77 -23.28 -29.01
N ASP C 78 17.58 -23.49 -27.70
CA ASP C 78 18.42 -22.94 -26.64
C ASP C 78 18.30 -21.42 -26.51
N GLU C 79 17.46 -20.81 -27.33
CA GLU C 79 17.28 -19.35 -27.36
C GLU C 79 17.05 -18.72 -25.99
N LEU C 80 17.53 -17.50 -25.80
CA LEU C 80 17.29 -16.74 -24.59
C LEU C 80 15.93 -16.04 -24.66
N CYS C 81 15.31 -15.87 -23.49
CA CYS C 81 14.00 -15.21 -23.40
C CYS C 81 14.09 -13.85 -22.73
N ALA C 82 14.69 -13.76 -21.54
CA ALA C 82 14.73 -12.48 -20.83
C ALA C 82 15.92 -12.47 -19.87
N ALA C 83 16.19 -11.30 -19.32
CA ALA C 83 17.27 -11.14 -18.35
C ALA C 83 17.11 -9.83 -17.60
N PHE C 84 17.50 -9.84 -16.33
CA PHE C 84 17.45 -8.62 -15.54
C PHE C 84 18.38 -8.74 -14.33
N MET C 85 18.82 -7.61 -13.81
CA MET C 85 19.70 -7.59 -12.66
C MET C 85 18.92 -7.86 -11.38
N VAL C 86 19.64 -8.20 -10.32
CA VAL C 86 19.04 -8.60 -9.05
C VAL C 86 18.98 -7.45 -8.05
N ASP C 87 19.87 -6.48 -8.15
CA ASP C 87 19.97 -5.40 -7.16
C ASP C 87 18.64 -4.68 -7.00
N PRO C 88 18.01 -4.74 -5.83
CA PRO C 88 16.71 -4.08 -5.65
C PRO C 88 16.84 -2.57 -5.53
N GLY C 89 17.99 -2.09 -5.07
CA GLY C 89 18.24 -0.67 -4.96
C GLY C 89 18.87 -0.11 -6.22
N ARG C 90 18.53 -0.70 -7.37
CA ARG C 90 19.07 -0.30 -8.65
C ARG C 90 17.94 -0.10 -9.65
N ILE C 91 18.13 0.80 -10.59
CA ILE C 91 17.08 1.17 -11.54
C ILE C 91 16.83 0.00 -12.49
N GLY C 92 15.58 -0.43 -12.58
CA GLY C 92 15.20 -1.50 -13.48
C GLY C 92 13.87 -2.12 -13.11
N PRO C 93 13.77 -3.45 -13.29
CA PRO C 93 12.52 -4.13 -12.94
C PRO C 93 12.24 -4.16 -11.45
N TRP C 94 13.26 -4.04 -10.60
CA TRP C 94 13.07 -4.04 -9.16
C TRP C 94 12.65 -2.67 -8.62
N GLN C 95 12.24 -1.76 -9.49
CA GLN C 95 11.78 -0.43 -9.08
C GLN C 95 10.26 -0.32 -9.05
N SER C 96 9.55 -1.12 -9.84
CA SER C 96 8.10 -1.18 -9.81
C SER C 96 7.56 -2.05 -8.70
N THR C 97 8.42 -2.72 -7.95
CA THR C 97 8.00 -3.67 -6.94
C THR C 97 7.84 -2.95 -5.60
N LEU C 98 7.60 -3.70 -4.52
CA LEU C 98 7.43 -3.14 -3.20
C LEU C 98 8.64 -3.31 -2.30
N VAL C 99 9.42 -4.37 -2.49
CA VAL C 99 10.67 -4.51 -1.75
C VAL C 99 11.72 -3.54 -2.27
N GLY C 100 11.60 -3.10 -3.53
CA GLY C 100 12.53 -2.15 -4.08
C GLY C 100 12.28 -0.72 -3.62
N GLN C 101 11.04 -0.40 -3.30
CA GLN C 101 10.69 0.93 -2.82
C GLN C 101 10.80 1.06 -1.31
N ILE C 102 10.86 -0.04 -0.58
CA ILE C 102 11.09 0.00 0.87
C ILE C 102 12.57 -0.09 1.19
N CYS C 103 13.32 -0.89 0.42
CA CYS C 103 14.76 -0.94 0.59
C CYS C 103 15.47 0.26 -0.03
N ARG C 104 14.71 1.22 -0.55
CA ARG C 104 15.28 2.49 -0.98
C ARG C 104 15.21 3.56 0.10
N TYR C 105 14.44 3.31 1.16
CA TYR C 105 14.48 4.13 2.36
C TYR C 105 15.62 3.74 3.29
N TYR C 106 16.19 2.55 3.11
CA TYR C 106 17.27 2.03 3.92
C TYR C 106 18.52 1.91 3.05
N THR C 107 19.69 2.07 3.67
CA THR C 107 20.91 2.06 2.89
C THR C 107 21.47 0.66 2.67
N GLN C 108 21.44 -0.21 3.67
CA GLN C 108 22.10 -1.50 3.55
C GLN C 108 21.09 -2.63 3.72
N TRP C 109 20.99 -3.50 2.72
CA TRP C 109 20.08 -4.64 2.76
C TRP C 109 20.86 -5.95 2.86
N SER C 110 20.14 -6.99 3.26
CA SER C 110 20.73 -8.32 3.41
C SER C 110 19.63 -9.36 3.31
N GLY C 111 20.02 -10.59 3.01
CA GLY C 111 19.10 -11.71 2.95
C GLY C 111 18.87 -12.18 1.53
N SER C 112 18.09 -13.25 1.43
CA SER C 112 17.78 -13.90 0.16
C SER C 112 16.48 -13.35 -0.42
N LEU C 113 16.37 -13.40 -1.74
CA LEU C 113 15.22 -12.88 -2.46
C LEU C 113 14.42 -14.03 -3.08
N LYS C 114 13.32 -13.68 -3.73
CA LYS C 114 12.44 -14.69 -4.32
C LYS C 114 11.71 -14.10 -5.51
N VAL C 115 11.72 -14.81 -6.63
CA VAL C 115 11.07 -14.36 -7.86
C VAL C 115 10.11 -15.45 -8.31
N THR C 116 8.84 -15.11 -8.40
CA THR C 116 7.77 -16.05 -8.76
C THR C 116 7.32 -15.77 -10.18
N PHE C 117 7.31 -16.82 -11.01
CA PHE C 117 6.91 -16.71 -12.40
C PHE C 117 5.59 -17.44 -12.59
N MET C 118 4.58 -16.72 -13.04
CA MET C 118 3.28 -17.26 -13.38
C MET C 118 3.08 -17.18 -14.89
N PHE C 119 2.51 -18.23 -15.47
CA PHE C 119 2.34 -18.33 -16.91
C PHE C 119 0.90 -18.03 -17.28
N THR C 120 0.68 -16.91 -17.98
CA THR C 120 -0.63 -16.55 -18.51
C THR C 120 -0.65 -16.96 -19.98
N GLY C 121 -1.31 -18.07 -20.26
CA GLY C 121 -1.41 -18.58 -21.60
C GLY C 121 -2.59 -19.54 -21.71
N SER C 122 -2.65 -20.21 -22.84
CA SER C 122 -3.73 -21.15 -23.07
C SER C 122 -3.53 -22.43 -22.25
N PHE C 123 -4.62 -23.15 -22.02
CA PHE C 123 -4.56 -24.40 -21.28
C PHE C 123 -3.94 -25.52 -22.08
N MET C 124 -3.99 -25.45 -23.41
CA MET C 124 -3.45 -26.49 -24.27
C MET C 124 -2.02 -26.20 -24.71
N ALA C 125 -1.45 -25.06 -24.34
CA ALA C 125 -0.08 -24.73 -24.68
C ALA C 125 0.85 -25.16 -23.55
N THR C 126 1.85 -25.95 -23.88
CA THR C 126 2.83 -26.47 -22.93
C THR C 126 4.20 -25.90 -23.24
N GLY C 127 5.19 -26.34 -22.49
CA GLY C 127 6.56 -25.90 -22.70
C GLY C 127 7.36 -26.02 -21.42
N LYS C 128 8.62 -25.59 -21.52
CA LYS C 128 9.53 -25.58 -20.39
C LYS C 128 10.39 -24.32 -20.45
N MET C 129 10.98 -23.97 -19.31
CA MET C 129 11.84 -22.80 -19.21
C MET C 129 12.94 -23.10 -18.21
N LEU C 130 14.06 -22.39 -18.35
CA LEU C 130 15.19 -22.52 -17.42
C LEU C 130 15.48 -21.13 -16.86
N VAL C 131 15.19 -20.93 -15.58
CA VAL C 131 15.50 -19.67 -14.92
C VAL C 131 16.81 -19.84 -14.15
N ALA C 132 17.80 -19.02 -14.48
CA ALA C 132 19.15 -19.19 -13.94
C ALA C 132 19.64 -17.90 -13.32
N TYR C 133 19.97 -17.94 -12.04
CA TYR C 133 20.61 -16.85 -11.34
C TYR C 133 22.12 -17.08 -11.34
N SER C 134 22.87 -16.03 -11.67
CA SER C 134 24.32 -16.12 -11.79
C SER C 134 24.94 -15.08 -10.86
N PRO C 135 25.85 -15.49 -9.98
CA PRO C 135 26.50 -14.54 -9.06
C PRO C 135 27.39 -13.58 -9.84
N PRO C 136 27.95 -12.56 -9.18
CA PRO C 136 28.81 -11.61 -9.88
C PRO C 136 30.01 -12.29 -10.53
N GLY C 137 30.73 -11.52 -11.33
CA GLY C 137 31.79 -12.06 -12.16
C GLY C 137 31.74 -11.49 -13.57
N SER C 138 31.56 -12.35 -14.56
CA SER C 138 31.50 -11.90 -15.95
C SER C 138 30.14 -11.24 -16.22
N ALA C 139 29.91 -10.84 -17.46
CA ALA C 139 28.65 -10.20 -17.83
C ALA C 139 27.57 -11.24 -18.06
N GLN C 140 26.45 -10.81 -18.64
CA GLN C 140 25.35 -11.73 -18.91
C GLN C 140 25.84 -12.90 -19.76
N PRO C 141 25.53 -14.14 -19.39
CA PRO C 141 25.96 -15.28 -20.20
C PRO C 141 25.42 -15.21 -21.61
N ALA C 142 26.21 -15.73 -22.55
CA ALA C 142 25.83 -15.72 -23.96
C ALA C 142 25.13 -17.00 -24.41
N ASN C 143 25.33 -18.11 -23.70
CA ASN C 143 24.72 -19.38 -24.07
C ASN C 143 23.92 -19.93 -22.89
N ARG C 144 23.21 -21.03 -23.15
CA ARG C 144 22.46 -21.70 -22.09
C ARG C 144 23.34 -22.64 -21.28
N GLU C 145 24.35 -23.25 -21.93
CA GLU C 145 25.31 -24.06 -21.20
C GLU C 145 26.18 -23.22 -20.29
N THR C 146 26.32 -21.92 -20.56
CA THR C 146 26.99 -21.05 -19.61
C THR C 146 26.09 -20.75 -18.42
N ALA C 147 24.79 -20.58 -18.67
CA ALA C 147 23.85 -20.26 -17.60
C ALA C 147 23.60 -21.45 -16.69
N MET C 148 23.67 -22.68 -17.22
CA MET C 148 23.44 -23.85 -16.38
C MET C 148 24.52 -24.03 -15.32
N LEU C 149 25.67 -23.37 -15.46
CA LEU C 149 26.73 -23.48 -14.48
C LEU C 149 26.46 -22.68 -13.21
N GLY C 150 25.42 -21.85 -13.19
CA GLY C 150 25.11 -21.06 -12.02
C GLY C 150 24.13 -21.76 -11.09
N THR C 151 23.07 -21.06 -10.70
CA THR C 151 22.02 -21.63 -9.85
C THR C 151 20.71 -21.55 -10.61
N HIS C 152 20.24 -22.68 -11.12
CA HIS C 152 19.12 -22.66 -12.05
C HIS C 152 18.00 -23.58 -11.58
N VAL C 153 16.82 -23.35 -12.15
CA VAL C 153 15.64 -24.17 -11.94
C VAL C 153 14.95 -24.37 -13.29
N ILE C 154 14.58 -25.61 -13.57
CA ILE C 154 13.85 -25.97 -14.78
C ILE C 154 12.39 -26.10 -14.43
N TRP C 155 11.54 -25.31 -15.09
CA TRP C 155 10.12 -25.19 -14.75
C TRP C 155 9.30 -25.49 -15.99
N ASP C 156 8.39 -26.46 -15.88
CA ASP C 156 7.53 -26.83 -17.00
C ASP C 156 6.14 -26.26 -16.82
N PHE C 157 5.42 -26.14 -17.94
CA PHE C 157 4.09 -25.57 -17.95
C PHE C 157 3.07 -26.70 -17.80
N GLY C 158 2.36 -26.71 -16.67
CA GLY C 158 1.39 -27.75 -16.40
C GLY C 158 0.16 -27.24 -15.69
N LEU C 159 -0.36 -28.02 -14.75
CA LEU C 159 -1.55 -27.63 -14.00
C LEU C 159 -1.28 -26.53 -12.98
N GLN C 160 -0.03 -26.35 -12.56
CA GLN C 160 0.25 -25.34 -11.55
C GLN C 160 0.81 -24.08 -12.21
N SER C 161 1.95 -24.22 -12.89
CA SER C 161 2.60 -23.16 -13.66
C SER C 161 2.67 -21.86 -12.86
N SER C 162 3.26 -21.98 -11.67
CA SER C 162 3.46 -20.84 -10.79
C SER C 162 4.79 -20.92 -10.07
N VAL C 163 5.87 -21.17 -10.81
CA VAL C 163 7.13 -21.57 -10.18
C VAL C 163 7.70 -20.41 -9.38
N SER C 164 8.67 -20.71 -8.49
CA SER C 164 9.28 -19.68 -7.65
C SER C 164 10.76 -19.99 -7.52
N LEU C 165 11.60 -19.21 -8.21
CA LEU C 165 13.04 -19.32 -8.06
C LEU C 165 13.50 -18.51 -6.86
N VAL C 166 14.19 -19.15 -5.93
CA VAL C 166 14.79 -18.48 -4.80
C VAL C 166 16.15 -17.94 -5.23
N ILE C 167 16.51 -16.77 -4.70
CA ILE C 167 17.83 -16.19 -4.95
C ILE C 167 18.58 -16.18 -3.63
N PRO C 168 19.49 -17.12 -3.42
CA PRO C 168 20.16 -17.22 -2.11
C PRO C 168 21.11 -16.06 -1.88
N TRP C 169 21.59 -15.97 -0.64
CA TRP C 169 22.49 -14.91 -0.22
C TRP C 169 23.92 -15.37 -0.45
N ILE C 170 24.47 -15.02 -1.61
CA ILE C 170 25.87 -15.32 -1.90
C ILE C 170 26.64 -14.01 -1.97
N SER C 171 27.24 -13.62 -0.85
CA SER C 171 28.00 -12.37 -0.77
C SER C 171 29.25 -12.61 0.06
N ASN C 172 30.25 -11.74 -0.16
CA ASN C 172 31.46 -11.78 0.66
C ASN C 172 31.21 -11.13 2.01
N THR C 173 30.68 -9.91 2.01
CA THR C 173 30.40 -9.18 3.23
C THR C 173 29.00 -9.52 3.73
N HIS C 174 28.69 -9.04 4.94
CA HIS C 174 27.40 -9.31 5.55
C HIS C 174 26.29 -8.51 4.86
N PHE C 175 26.57 -7.29 4.44
CA PHE C 175 25.56 -6.39 3.90
C PHE C 175 25.99 -5.91 2.51
N ARG C 176 25.08 -5.17 1.88
CA ARG C 176 25.34 -4.57 0.57
C ARG C 176 24.65 -3.22 0.53
N THR C 177 25.40 -2.20 0.12
CA THR C 177 24.83 -0.86 -0.02
C THR C 177 23.87 -0.82 -1.20
N ALA C 178 22.74 -0.13 -1.01
CA ALA C 178 21.73 -0.01 -2.07
C ALA C 178 22.04 1.18 -2.97
N LYS C 179 23.28 1.20 -3.47
CA LYS C 179 23.79 2.25 -4.37
C LYS C 179 24.81 1.55 -5.26
N THR C 180 24.48 1.35 -6.53
CA THR C 180 25.37 0.67 -7.46
C THR C 180 25.69 1.57 -8.65
N GLY C 181 26.81 1.26 -9.31
CA GLY C 181 27.21 2.00 -10.48
C GLY C 181 28.57 2.66 -10.35
N GLY C 182 29.50 2.28 -11.21
CA GLY C 182 30.82 2.89 -11.22
C GLY C 182 31.77 2.28 -10.21
N ASN C 183 32.02 3.00 -9.11
CA ASN C 183 32.85 2.51 -8.03
C ASN C 183 32.06 1.68 -7.03
N TYR C 184 30.78 1.47 -7.27
CA TYR C 184 29.92 0.66 -6.40
C TYR C 184 29.52 -0.65 -7.06
N ASP C 185 30.25 -1.09 -8.09
CA ASP C 185 30.02 -2.38 -8.71
C ASP C 185 30.53 -3.53 -7.87
N TYR C 186 30.98 -3.21 -6.66
CA TYR C 186 31.39 -4.20 -5.66
C TYR C 186 30.22 -4.76 -4.88
N TYR C 187 29.01 -4.20 -5.06
CA TYR C 187 27.83 -4.64 -4.32
C TYR C 187 26.74 -5.18 -5.26
N THR C 188 27.08 -5.49 -6.50
CA THR C 188 26.13 -6.13 -7.39
C THR C 188 25.87 -7.56 -6.93
N ALA C 189 24.69 -8.08 -7.30
CA ALA C 189 24.24 -9.37 -6.80
C ALA C 189 24.16 -10.46 -7.85
N GLY C 190 24.28 -10.13 -9.13
CA GLY C 190 24.23 -11.12 -10.17
C GLY C 190 23.14 -10.81 -11.17
N VAL C 191 22.89 -11.78 -12.06
CA VAL C 191 21.92 -11.62 -13.14
C VAL C 191 20.96 -12.79 -13.13
N VAL C 192 19.66 -12.52 -13.21
CA VAL C 192 18.65 -13.55 -13.38
C VAL C 192 18.27 -13.57 -14.86
N THR C 193 18.54 -14.71 -15.52
CA THR C 193 18.20 -14.91 -16.91
C THR C 193 17.11 -15.96 -17.02
N LEU C 194 16.39 -15.91 -18.14
CA LEU C 194 15.32 -16.82 -18.46
C LEU C 194 15.56 -17.32 -19.87
N TRP C 195 15.78 -18.62 -20.01
CA TRP C 195 16.04 -19.24 -21.34
C TRP C 195 14.86 -20.11 -21.75
N TYR C 196 15.04 -20.91 -22.80
CA TYR C 196 14.02 -21.85 -23.31
C TYR C 196 14.61 -23.25 -23.22
N GLN C 197 14.10 -24.09 -22.32
CA GLN C 197 14.61 -25.47 -22.17
C GLN C 197 14.42 -26.25 -23.48
N THR C 198 13.16 -26.53 -23.84
CA THR C 198 12.85 -27.28 -25.09
C THR C 198 12.22 -26.30 -26.08
N ASN C 199 10.93 -26.02 -25.88
CA ASN C 199 10.23 -25.03 -26.71
C ASN C 199 8.88 -24.70 -26.09
N TYR C 200 8.16 -23.79 -26.76
CA TYR C 200 6.77 -23.46 -26.44
C TYR C 200 5.90 -24.13 -27.50
N VAL C 201 5.56 -25.39 -27.26
CA VAL C 201 4.72 -26.13 -28.22
C VAL C 201 3.25 -25.71 -28.03
N VAL C 202 2.48 -25.84 -29.11
CA VAL C 202 1.09 -25.39 -29.11
C VAL C 202 0.30 -26.09 -30.21
N PRO C 203 -0.92 -26.52 -29.95
CA PRO C 203 -1.72 -27.20 -30.98
C PRO C 203 -2.38 -26.20 -31.91
N PRO C 204 -3.01 -26.65 -33.00
CA PRO C 204 -3.73 -25.73 -33.88
C PRO C 204 -4.96 -25.13 -33.20
N GLU C 205 -5.42 -24.01 -33.77
CA GLU C 205 -6.57 -23.27 -33.26
C GLU C 205 -6.32 -22.68 -31.88
N THR C 206 -5.05 -22.41 -31.57
CA THR C 206 -4.63 -21.87 -30.29
C THR C 206 -3.67 -20.72 -30.53
N PRO C 207 -3.75 -19.64 -29.75
CA PRO C 207 -2.83 -18.52 -29.96
C PRO C 207 -1.39 -18.93 -29.78
N GLY C 208 -0.51 -18.37 -30.60
CA GLY C 208 0.89 -18.75 -30.60
C GLY C 208 1.80 -17.78 -29.87
N GLU C 209 1.25 -17.06 -28.89
CA GLU C 209 2.04 -16.14 -28.09
C GLU C 209 1.34 -15.90 -26.76
N ALA C 210 2.07 -16.09 -25.67
CA ALA C 210 1.52 -15.91 -24.33
C ALA C 210 2.44 -15.01 -23.50
N TYR C 211 2.16 -14.88 -22.21
CA TYR C 211 2.93 -13.96 -21.38
C TYR C 211 3.28 -14.63 -20.06
N ILE C 212 4.40 -14.19 -19.47
CA ILE C 212 4.80 -14.57 -18.13
C ILE C 212 4.74 -13.32 -17.24
N ILE C 213 4.17 -13.47 -16.06
CA ILE C 213 4.16 -12.43 -15.05
C ILE C 213 5.22 -12.78 -14.01
N ALA C 214 6.20 -11.90 -13.86
CA ALA C 214 7.26 -12.06 -12.87
C ALA C 214 6.96 -11.18 -11.67
N MET C 215 7.10 -11.75 -10.48
CA MET C 215 6.86 -11.04 -9.23
C MET C 215 8.06 -11.25 -8.32
N GLY C 216 8.27 -10.33 -7.40
CA GLY C 216 9.45 -10.36 -6.56
C GLY C 216 9.14 -10.01 -5.13
N ALA C 217 9.85 -10.68 -4.22
CA ALA C 217 9.66 -10.48 -2.79
C ALA C 217 10.94 -10.88 -2.06
N ALA C 218 10.94 -10.68 -0.75
CA ALA C 218 12.05 -11.03 0.10
C ALA C 218 11.75 -12.34 0.84
N GLN C 219 12.68 -12.74 1.69
CA GLN C 219 12.56 -13.98 2.45
C GLN C 219 12.61 -13.64 3.94
N ASP C 220 12.62 -14.66 4.79
CA ASP C 220 12.73 -14.47 6.22
C ASP C 220 14.14 -14.10 6.65
N ASN C 221 15.11 -14.18 5.74
CA ASN C 221 16.48 -13.77 6.00
C ASN C 221 16.69 -12.28 5.72
N PHE C 222 15.65 -11.58 5.27
CA PHE C 222 15.80 -10.21 4.83
C PHE C 222 16.04 -9.29 6.03
N THR C 223 16.93 -8.32 5.84
CA THR C 223 17.29 -7.39 6.89
C THR C 223 17.64 -6.05 6.25
N LEU C 224 17.30 -4.96 6.92
CA LEU C 224 17.53 -3.62 6.39
C LEU C 224 18.14 -2.75 7.47
N LYS C 225 18.97 -1.80 7.05
CA LYS C 225 19.65 -0.95 8.06
C LYS C 225 20.08 0.40 7.48
N ILE C 226 20.28 1.38 8.37
CA ILE C 226 20.72 2.77 8.05
C ILE C 226 19.68 3.45 7.16
N CYS C 227 18.69 4.10 7.79
CA CYS C 227 17.59 4.78 7.06
C CYS C 227 18.11 6.01 6.32
N LYS C 228 17.90 6.07 5.01
CA LYS C 228 18.25 7.21 4.18
C LYS C 228 16.98 7.72 3.50
N ASP C 229 17.14 8.67 2.58
CA ASP C 229 16.03 9.22 1.82
C ASP C 229 15.92 8.54 0.46
N THR C 230 14.72 8.62 -0.12
CA THR C 230 14.49 8.13 -1.47
C THR C 230 14.65 9.25 -2.50
N ASP C 231 14.72 8.86 -3.76
CA ASP C 231 14.94 9.78 -4.87
C ASP C 231 13.88 9.63 -5.95
N GLU C 232 12.65 9.30 -5.55
CA GLU C 232 11.54 9.26 -6.48
C GLU C 232 10.69 10.53 -6.47
N VAL C 233 10.72 11.29 -5.38
CA VAL C 233 9.88 12.48 -5.24
C VAL C 233 10.75 13.72 -5.43
N THR C 234 10.16 14.75 -6.04
CA THR C 234 10.82 16.01 -6.28
C THR C 234 9.81 17.13 -6.09
N GLN C 235 10.26 18.24 -5.52
CA GLN C 235 9.36 19.35 -5.20
C GLN C 235 10.10 20.67 -5.34
N GLN C 236 9.54 21.58 -6.15
CA GLN C 236 10.12 22.91 -6.32
C GLN C 236 9.60 23.87 -5.27
N ALA C 237 8.29 24.06 -5.21
CA ALA C 237 7.65 24.92 -4.22
C ALA C 237 6.60 24.13 -3.44
N VAL C 238 6.10 24.76 -2.38
CA VAL C 238 5.09 24.10 -1.56
C VAL C 238 3.84 23.86 -2.40
N LEU C 239 3.17 22.75 -2.14
CA LEU C 239 2.00 22.35 -2.91
C LEU C 239 0.83 23.30 -2.66
N ASN D 29 13.26 5.65 30.67
CA ASN D 29 11.81 5.59 30.63
C ASN D 29 11.20 6.45 31.73
N ILE D 30 12.03 7.28 32.36
CA ILE D 30 11.56 8.18 33.40
C ILE D 30 10.73 9.30 32.78
N ASN D 31 9.58 9.59 33.37
CA ASN D 31 8.69 10.65 32.92
C ASN D 31 8.53 11.68 34.04
N TYR D 32 8.53 12.95 33.66
CA TYR D 32 8.48 14.05 34.62
C TYR D 32 7.14 14.77 34.60
N TYR D 33 6.13 14.18 33.97
CA TYR D 33 4.86 14.86 33.73
C TYR D 33 3.71 13.96 34.13
N LYS D 34 2.56 14.59 34.40
CA LYS D 34 1.37 13.80 34.78
C LYS D 34 0.84 13.03 33.57
N ASP D 35 0.96 13.57 32.36
CA ASP D 35 0.40 12.94 31.17
C ASP D 35 1.42 11.99 30.53
N SER D 36 0.95 10.82 30.11
CA SER D 36 1.82 9.77 29.62
C SER D 36 2.20 9.92 28.16
N TYR D 37 1.57 10.83 27.42
CA TYR D 37 1.95 11.01 26.02
C TYR D 37 3.18 11.89 25.86
N ALA D 38 3.62 12.57 26.92
CA ALA D 38 4.82 13.38 26.89
C ALA D 38 6.08 12.59 27.21
N ALA D 39 5.98 11.28 27.33
CA ALA D 39 7.11 10.45 27.71
C ALA D 39 7.96 10.13 26.46
N SER D 40 8.92 9.24 26.62
CA SER D 40 9.80 8.83 25.53
C SER D 40 9.66 7.33 25.30
N ALA D 41 9.50 6.95 24.03
CA ALA D 41 9.34 5.55 23.67
C ALA D 41 10.61 4.76 23.93
N PHE D 46 8.99 -6.23 19.14
CA PHE D 46 9.57 -7.30 18.34
C PHE D 46 8.49 -8.23 17.80
N THR D 47 7.26 -7.72 17.75
CA THR D 47 6.13 -8.50 17.27
C THR D 47 6.11 -8.50 15.75
N GLN D 48 5.94 -9.69 15.15
CA GLN D 48 5.78 -9.83 13.71
C GLN D 48 4.70 -10.86 13.43
N ASP D 49 3.92 -10.60 12.38
CA ASP D 49 2.89 -11.54 11.93
C ASP D 49 2.70 -11.36 10.45
N PRO D 50 3.59 -11.93 9.63
CA PRO D 50 3.44 -11.83 8.17
C PRO D 50 2.42 -12.79 7.58
N LYS D 51 1.83 -13.67 8.38
CA LYS D 51 0.92 -14.68 7.86
C LYS D 51 -0.46 -14.13 7.55
N LYS D 52 -0.74 -12.86 7.87
CA LYS D 52 -1.98 -12.23 7.48
C LYS D 52 -1.86 -11.43 6.19
N PHE D 53 -0.65 -11.25 5.68
CA PHE D 53 -0.41 -10.61 4.39
C PHE D 53 0.11 -11.57 3.34
N THR D 54 1.00 -12.49 3.72
CA THR D 54 1.58 -13.42 2.75
C THR D 54 0.59 -14.51 2.35
N GLN D 55 0.05 -15.22 3.34
CA GLN D 55 -0.88 -16.34 3.08
C GLN D 55 -2.18 -16.11 3.83
N PRO D 56 -3.01 -15.15 3.40
CA PRO D 56 -4.32 -14.99 4.03
C PRO D 56 -5.39 -15.86 3.40
N VAL D 57 -5.10 -17.15 3.22
CA VAL D 57 -6.04 -18.06 2.58
C VAL D 57 -6.76 -18.87 3.65
N LEU D 58 -7.97 -19.30 3.32
CA LEU D 58 -8.78 -20.08 4.26
C LEU D 58 -8.21 -21.47 4.45
N ASP D 59 -8.12 -22.24 3.37
CA ASP D 59 -7.52 -23.58 3.43
C ASP D 59 -6.00 -23.45 3.43
N SER D 60 -5.37 -23.93 4.49
CA SER D 60 -3.92 -23.80 4.61
C SER D 60 -3.22 -24.73 3.62
N ILE D 61 -2.23 -24.18 2.91
CA ILE D 61 -1.44 -24.93 1.96
C ILE D 61 -0.11 -25.32 2.61
N ARG D 62 0.35 -26.52 2.31
CA ARG D 62 1.58 -27.02 2.90
C ARG D 62 2.79 -26.60 2.06
N GLU D 63 3.98 -26.84 2.62
CA GLU D 63 5.22 -26.47 1.94
C GLU D 63 5.56 -27.47 0.84
N LEU D 64 5.70 -28.75 1.19
CA LEU D 64 6.14 -29.75 0.23
C LEU D 64 5.04 -30.22 -0.69
N SER D 65 3.78 -30.00 -0.33
CA SER D 65 2.66 -30.47 -1.13
C SER D 65 2.31 -29.48 -2.23
N ALA D 66 1.62 -29.98 -3.25
CA ALA D 66 1.13 -29.12 -4.32
C ALA D 66 -0.03 -28.27 -3.81
N PRO D 67 -0.17 -27.03 -4.31
CA PRO D 67 -1.20 -26.15 -3.75
C PRO D 67 -2.62 -26.56 -4.08
N LEU D 68 -2.85 -27.11 -5.27
CA LEU D 68 -4.18 -27.48 -5.73
C LEU D 68 -4.18 -28.92 -6.21
N ASN D 69 -5.20 -29.66 -5.83
CA ASN D 69 -5.35 -31.05 -6.25
C ASN D 69 -6.24 -31.14 -7.49
#